data_5YYE
#
_entry.id   5YYE
#
_cell.length_a   86.300
_cell.length_b   56.950
_cell.length_c   110.710
_cell.angle_alpha   90.00
_cell.angle_beta   94.79
_cell.angle_gamma   90.00
#
_symmetry.space_group_name_H-M   'P 1 21 1'
#
loop_
_entity.id
_entity.type
_entity.pdbx_description
1 polymer 'DNA polymerase IV'
2 polymer DTN2
3 non-polymer "5'-O-[hydroxy{[hydroxy(phosphonoamino)phosphoryl]oxy}phosphoryl]thymidine"
4 non-polymer 'MAGNESIUM ION'
5 water water
#
loop_
_entity_poly.entity_id
_entity_poly.type
_entity_poly.pdbx_seq_one_letter_code
_entity_poly.pdbx_strand_id
1 'polypeptide(L)'
;GSRKIIHVDMDCFFAAVEMRDNPALRDIPIAIGGSRERRGVISTANYPARKFGVRSAMPTGMALKLCPHLTLLPGRFDAY
KEASNHIREIFSRYTSRIEPLSLDEAYLDVTDSVHCHGSATLIAQEIRQTIFNELQLTASAGVAPVKFLAKIASDMNKPN
GQFVITPAEVPAFLQTLPLAKIPGVGKVSAAKLEAMGLRTCGDVQKCDLVMLLKRFGKFGRILWERSQGIDERDVNSERL
RKSVGVERTMAEDIHHWSECEAIIERLYPELERRLAKVKPDLLIARQGVKLKFDDFQQTTQEHVWPRLNKADLIATARKT
WDERRGGRGVRLVGLHVTLLDPQMERQLVLGL
;
F,A
2 'polydeoxyribonucleotide' (DT)(DC)(DT)(DA)(DG)(DG)(DG)(DT)(DC)(DC)(DT)(DA)(DG)(DG)(DA)(DC)(DC)(DC) G,H,B,C
#
loop_
_chem_comp.id
_chem_comp.type
_chem_comp.name
_chem_comp.formula
DA DNA linking 2'-DEOXYADENOSINE-5'-MONOPHOSPHATE 'C10 H14 N5 O6 P'
DC DNA linking 2'-DEOXYCYTIDINE-5'-MONOPHOSPHATE 'C9 H14 N3 O7 P'
DG DNA linking 2'-DEOXYGUANOSINE-5'-MONOPHOSPHATE 'C10 H14 N5 O7 P'
DT DNA linking THYMIDINE-5'-MONOPHOSPHATE 'C10 H15 N2 O8 P'
MG non-polymer 'MAGNESIUM ION' 'Mg 2'
TTW non-polymer 5'-O-[hydroxy{[hydroxy(phosphonoamino)phosphoryl]oxy}phosphoryl]thymidine 'C10 H18 N3 O13 P3'
#
# COMPACT_ATOMS: atom_id res chain seq x y z
N GLY A 1 -6.03 -25.51 38.97
CA GLY A 1 -6.50 -25.80 37.63
C GLY A 1 -5.42 -25.75 36.56
N SER A 2 -4.16 -25.74 36.98
CA SER A 2 -3.07 -25.61 36.01
C SER A 2 -2.73 -26.96 35.37
N ARG A 3 -2.60 -26.96 34.05
CA ARG A 3 -2.17 -28.14 33.29
C ARG A 3 -0.69 -28.07 32.97
N LYS A 4 -0.17 -29.19 32.48
CA LYS A 4 1.24 -29.33 32.12
C LYS A 4 1.32 -29.66 30.63
N ILE A 5 1.93 -28.77 29.84
CA ILE A 5 2.04 -28.96 28.41
C ILE A 5 3.51 -29.01 28.03
N ILE A 6 3.89 -30.07 27.36
CA ILE A 6 5.22 -30.26 26.82
C ILE A 6 5.17 -29.98 25.31
N HIS A 7 6.13 -29.22 24.81
CA HIS A 7 6.42 -29.16 23.38
C HIS A 7 7.78 -29.80 23.15
N VAL A 8 7.81 -30.85 22.33
CA VAL A 8 9.03 -31.52 21.91
C VAL A 8 9.34 -31.11 20.47
N ASP A 9 10.62 -30.87 20.17
CA ASP A 9 11.00 -30.37 18.85
C ASP A 9 12.36 -30.96 18.50
N MET A 10 12.42 -31.70 17.38
CA MET A 10 13.68 -32.28 16.92
C MET A 10 14.68 -31.19 16.52
N ASP A 11 15.97 -31.45 16.78
CA ASP A 11 17.02 -30.49 16.46
C ASP A 11 17.45 -30.66 15.00
N CYS A 12 17.41 -29.57 14.24
CA CYS A 12 17.77 -29.56 12.82
C CYS A 12 17.32 -30.84 12.09
N PHE A 13 16.02 -31.14 12.23
CA PHE A 13 15.49 -32.49 12.03
C PHE A 13 16.03 -33.16 10.76
N PHE A 14 15.79 -32.57 9.58
CA PHE A 14 16.27 -33.20 8.34
C PHE A 14 17.78 -33.35 8.36
N ALA A 15 18.48 -32.26 8.69
CA ALA A 15 19.94 -32.33 8.75
C ALA A 15 20.42 -33.39 9.74
N ALA A 16 19.81 -33.43 10.94
CA ALA A 16 20.21 -34.41 11.95
C ALA A 16 20.04 -35.83 11.45
N VAL A 17 19.02 -36.06 10.62
CA VAL A 17 18.80 -37.40 10.09
C VAL A 17 19.86 -37.75 9.07
N GLU A 18 20.30 -36.77 8.28
CA GLU A 18 21.29 -37.04 7.24
C GLU A 18 22.67 -37.32 7.83
N MET A 19 22.99 -36.67 8.95
CA MET A 19 24.28 -36.91 9.59
C MET A 19 24.31 -38.26 10.30
N ARG A 20 23.21 -38.63 10.94
CA ARG A 20 23.13 -39.97 11.49
C ARG A 20 23.37 -40.99 10.39
N ASP A 21 22.68 -40.84 9.27
CA ASP A 21 22.73 -41.81 8.17
C ASP A 21 24.01 -41.71 7.33
N ASN A 22 24.79 -40.65 7.46
CA ASN A 22 26.14 -40.61 6.90
C ASN A 22 26.98 -39.74 7.80
N PRO A 23 27.78 -40.34 8.69
CA PRO A 23 28.55 -39.53 9.63
C PRO A 23 29.51 -38.55 8.98
N ALA A 24 29.80 -38.70 7.68
CA ALA A 24 30.75 -37.82 7.01
C ALA A 24 30.26 -36.39 6.92
N LEU A 25 28.96 -36.14 7.04
CA LEU A 25 28.41 -34.78 7.02
C LEU A 25 28.39 -34.14 8.40
N ARG A 26 28.91 -34.83 9.42
CA ARG A 26 28.73 -34.40 10.81
C ARG A 26 29.31 -33.00 11.06
N ASP A 27 30.51 -32.72 10.57
CA ASP A 27 31.21 -31.49 10.93
C ASP A 27 31.41 -30.56 9.74
N ILE A 28 30.75 -30.82 8.62
CA ILE A 28 30.80 -29.97 7.43
C ILE A 28 29.46 -29.25 7.35
N PRO A 29 29.40 -28.01 6.89
CA PRO A 29 28.10 -27.36 6.70
C PRO A 29 27.31 -28.07 5.61
N ILE A 30 26.16 -28.64 6.00
CA ILE A 30 25.24 -29.30 5.08
C ILE A 30 23.87 -28.63 5.18
N ALA A 31 23.04 -28.89 4.17
CA ALA A 31 21.71 -28.31 4.15
C ALA A 31 20.84 -29.11 3.20
N ILE A 32 19.59 -29.29 3.59
CA ILE A 32 18.59 -29.87 2.70
C ILE A 32 17.95 -28.71 1.97
N GLY A 33 17.99 -28.77 0.63
CA GLY A 33 17.52 -27.68 -0.19
C GLY A 33 17.74 -27.90 -1.68
N GLY A 34 16.87 -27.37 -2.52
CA GLY A 34 17.06 -27.45 -3.95
C GLY A 34 18.30 -26.67 -4.37
N SER A 35 18.87 -27.10 -5.51
CA SER A 35 20.09 -26.45 -5.96
C SER A 35 19.78 -25.01 -6.36
N ARG A 36 20.86 -24.24 -6.56
CA ARG A 36 20.75 -22.88 -7.06
C ARG A 36 20.09 -22.85 -8.43
N GLU A 37 20.45 -23.80 -9.30
CA GLU A 37 19.95 -23.84 -10.67
C GLU A 37 18.47 -24.17 -10.71
N ARG A 38 18.01 -24.96 -9.74
CA ARG A 38 16.61 -25.29 -9.53
C ARG A 38 15.85 -24.18 -8.81
N ARG A 39 16.51 -23.06 -8.52
CA ARG A 39 15.90 -21.88 -7.89
C ARG A 39 15.33 -22.19 -6.50
N GLY A 40 15.98 -23.08 -5.75
CA GLY A 40 15.42 -23.61 -4.53
C GLY A 40 15.81 -22.84 -3.28
N VAL A 41 15.27 -23.28 -2.14
CA VAL A 41 15.57 -22.67 -0.86
C VAL A 41 16.04 -23.74 0.12
N ILE A 42 16.56 -23.27 1.24
CA ILE A 42 17.01 -24.17 2.29
C ILE A 42 15.79 -24.69 3.03
N SER A 43 15.65 -26.00 3.12
CA SER A 43 14.68 -26.56 4.06
C SER A 43 15.20 -26.39 5.48
N THR A 44 16.33 -27.03 5.78
CA THR A 44 17.02 -26.81 7.03
C THR A 44 18.50 -27.02 6.80
N ALA A 45 19.29 -26.81 7.86
CA ALA A 45 20.74 -26.89 7.80
C ALA A 45 21.25 -27.29 9.17
N ASN A 46 22.48 -27.79 9.20
CA ASN A 46 23.13 -28.16 10.45
C ASN A 46 23.79 -26.94 11.08
N TYR A 47 24.35 -27.12 12.27
CA TYR A 47 24.89 -25.97 12.99
C TYR A 47 26.20 -25.44 12.36
N PRO A 48 27.10 -26.27 11.86
CA PRO A 48 28.22 -25.69 11.08
C PRO A 48 27.77 -24.81 9.91
N ALA A 49 26.58 -25.04 9.33
CA ALA A 49 26.11 -24.14 8.27
C ALA A 49 25.46 -22.87 8.81
N ARG A 50 24.63 -22.97 9.84
CA ARG A 50 24.09 -21.73 10.42
C ARG A 50 25.16 -20.87 11.12
N LYS A 51 26.33 -21.40 11.43
CA LYS A 51 27.41 -20.51 11.84
C LYS A 51 27.66 -19.42 10.80
N PHE A 52 27.50 -19.76 9.51
CA PHE A 52 27.70 -18.84 8.39
C PHE A 52 26.50 -17.95 8.11
N GLY A 53 25.39 -18.14 8.80
CA GLY A 53 24.17 -17.38 8.55
C GLY A 53 23.08 -18.15 7.81
N VAL A 54 23.32 -19.41 7.46
CA VAL A 54 22.35 -20.20 6.72
C VAL A 54 21.12 -20.46 7.57
N ARG A 55 19.93 -20.11 7.04
CA ARG A 55 18.66 -20.26 7.73
C ARG A 55 17.65 -20.99 6.85
N SER A 56 16.65 -21.56 7.50
CA SER A 56 15.47 -22.07 6.79
C SER A 56 14.80 -20.95 6.00
N ALA A 57 14.26 -21.31 4.83
CA ALA A 57 13.53 -20.42 3.93
C ALA A 57 14.43 -19.39 3.23
N MET A 58 15.73 -19.52 3.37
CA MET A 58 16.65 -18.67 2.64
C MET A 58 16.82 -19.20 1.22
N PRO A 59 16.84 -18.32 0.22
CA PRO A 59 17.21 -18.76 -1.14
C PRO A 59 18.57 -19.45 -1.12
N THR A 60 18.64 -20.61 -1.76
CA THR A 60 19.91 -21.33 -1.84
C THR A 60 21.03 -20.43 -2.37
N GLY A 61 20.72 -19.57 -3.34
CA GLY A 61 21.73 -18.65 -3.85
C GLY A 61 22.34 -17.78 -2.76
N MET A 62 21.52 -17.30 -1.83
CA MET A 62 22.05 -16.49 -0.75
C MET A 62 22.81 -17.34 0.28
N ALA A 63 22.42 -18.60 0.46
CA ALA A 63 23.15 -19.49 1.36
C ALA A 63 24.58 -19.72 0.87
N LEU A 64 24.72 -20.03 -0.42
CA LEU A 64 26.03 -20.35 -0.96
C LEU A 64 26.95 -19.13 -0.96
N LYS A 65 26.39 -17.93 -1.06
CA LYS A 65 27.22 -16.74 -0.92
C LYS A 65 27.75 -16.61 0.51
N LEU A 66 26.92 -16.91 1.52
CA LEU A 66 27.39 -16.88 2.90
C LEU A 66 28.29 -18.07 3.21
N CYS A 67 27.99 -19.24 2.67
CA CYS A 67 28.70 -20.47 2.98
C CYS A 67 29.10 -21.19 1.70
N PRO A 68 30.24 -20.85 1.12
CA PRO A 68 30.56 -21.40 -0.20
C PRO A 68 30.77 -22.91 -0.24
N HIS A 69 31.13 -23.55 0.87
CA HIS A 69 31.31 -25.00 0.89
C HIS A 69 30.07 -25.75 1.38
N LEU A 70 28.94 -25.07 1.45
CA LEU A 70 27.68 -25.74 1.77
C LEU A 70 27.50 -26.98 0.93
N THR A 71 27.01 -28.05 1.54
CA THR A 71 26.72 -29.29 0.84
C THR A 71 25.22 -29.46 0.76
N LEU A 72 24.68 -29.41 -0.46
CA LEU A 72 23.24 -29.47 -0.67
C LEU A 72 22.79 -30.92 -0.76
N LEU A 73 21.89 -31.29 0.12
CA LEU A 73 21.32 -32.61 0.06
C LEU A 73 19.90 -32.52 -0.47
N PRO A 74 19.46 -33.53 -1.22
CA PRO A 74 18.10 -33.46 -1.79
C PRO A 74 17.02 -33.80 -0.80
N GLY A 75 17.34 -34.51 0.26
CA GLY A 75 16.27 -34.84 1.17
C GLY A 75 15.60 -36.14 0.85
N ARG A 76 15.32 -36.91 1.89
CA ARG A 76 14.77 -38.26 1.82
C ARG A 76 13.56 -38.32 2.75
N PHE A 77 12.38 -37.97 2.23
CA PHE A 77 11.24 -37.71 3.11
C PHE A 77 10.70 -38.98 3.76
N ASP A 78 10.92 -40.14 3.17
CA ASP A 78 10.60 -41.38 3.86
C ASP A 78 11.46 -41.56 5.11
N ALA A 79 12.73 -41.18 5.05
CA ALA A 79 13.56 -41.32 6.25
C ALA A 79 13.09 -40.36 7.33
N TYR A 80 12.72 -39.14 6.95
CA TYR A 80 12.22 -38.19 7.92
C TYR A 80 10.89 -38.65 8.48
N LYS A 81 10.05 -39.28 7.65
CA LYS A 81 8.74 -39.71 8.10
C LYS A 81 8.86 -40.90 9.04
N GLU A 82 9.82 -41.79 8.79
CA GLU A 82 9.98 -42.92 9.68
C GLU A 82 10.40 -42.48 11.08
N ALA A 83 11.39 -41.59 11.15
CA ALA A 83 11.76 -41.02 12.44
C ALA A 83 10.57 -40.33 13.09
N SER A 84 9.74 -39.67 12.29
CA SER A 84 8.58 -38.99 12.86
C SER A 84 7.61 -40.00 13.48
N ASN A 85 7.37 -41.11 12.79
CA ASN A 85 6.50 -42.14 13.36
C ASN A 85 7.09 -42.69 14.65
N HIS A 86 8.41 -42.88 14.66
CA HIS A 86 9.07 -43.42 15.84
C HIS A 86 8.92 -42.49 17.03
N ILE A 87 9.21 -41.19 16.86
CA ILE A 87 9.11 -40.28 18.00
C ILE A 87 7.68 -40.23 18.50
N ARG A 88 6.71 -40.15 17.58
CA ARG A 88 5.30 -40.09 17.97
C ARG A 88 4.88 -41.33 18.74
N GLU A 89 5.46 -42.50 18.41
CA GLU A 89 5.16 -43.70 19.18
C GLU A 89 5.84 -43.64 20.55
N ILE A 90 6.99 -42.96 20.64
CA ILE A 90 7.61 -42.68 21.94
C ILE A 90 6.70 -41.80 22.78
N PHE A 91 6.13 -40.75 22.17
CA PHE A 91 5.15 -39.91 22.87
C PHE A 91 4.00 -40.75 23.41
N SER A 92 3.52 -41.69 22.60
CA SER A 92 2.39 -42.52 22.99
C SER A 92 2.66 -43.30 24.26
N ARG A 93 3.92 -43.70 24.49
CA ARG A 93 4.26 -44.43 25.71
C ARG A 93 3.96 -43.63 26.96
N TYR A 94 3.71 -42.33 26.85
CA TYR A 94 3.56 -41.43 28.00
C TYR A 94 2.17 -40.83 28.13
N THR A 95 1.47 -40.59 27.03
CA THR A 95 0.14 -40.01 27.02
C THR A 95 -0.43 -40.19 25.63
N SER A 96 -1.75 -40.25 25.56
CA SER A 96 -2.48 -40.21 24.31
C SER A 96 -2.85 -38.78 23.89
N ARG A 97 -2.53 -37.80 24.73
CA ARG A 97 -2.80 -36.39 24.42
C ARG A 97 -1.63 -35.81 23.61
N ILE A 98 -1.62 -36.16 22.34
CA ILE A 98 -0.52 -35.88 21.41
C ILE A 98 -1.11 -35.10 20.23
N GLU A 99 -0.71 -33.85 20.06
CA GLU A 99 -1.11 -33.09 18.88
C GLU A 99 0.12 -32.77 18.03
N PRO A 100 0.42 -33.56 17.02
CA PRO A 100 1.57 -33.26 16.16
C PRO A 100 1.33 -32.01 15.33
N LEU A 101 2.38 -31.25 15.08
CA LEU A 101 2.26 -30.05 14.26
C LEU A 101 3.00 -30.14 12.95
N SER A 102 3.82 -31.15 12.79
CA SER A 102 4.65 -31.36 11.60
C SER A 102 5.31 -32.70 11.83
N LEU A 103 6.23 -33.08 10.95
CA LEU A 103 6.96 -34.32 11.17
C LEU A 103 7.69 -34.31 12.53
N ASP A 104 8.26 -33.17 12.91
CA ASP A 104 9.33 -33.16 13.90
C ASP A 104 8.92 -32.61 15.27
N GLU A 105 7.65 -32.33 15.51
CA GLU A 105 7.26 -31.70 16.76
C GLU A 105 5.83 -32.11 17.14
N ALA A 106 5.53 -31.96 18.43
CA ALA A 106 4.20 -32.27 18.97
C ALA A 106 4.01 -31.54 20.29
N TYR A 107 2.76 -31.16 20.54
CA TYR A 107 2.32 -30.85 21.90
C TYR A 107 1.94 -32.12 22.63
N LEU A 108 2.23 -32.16 23.93
CA LEU A 108 1.78 -33.23 24.80
C LEU A 108 1.14 -32.60 26.05
N ASP A 109 0.04 -33.16 26.50
CA ASP A 109 -0.65 -32.68 27.68
C ASP A 109 -0.49 -33.81 28.69
N VAL A 110 0.38 -33.60 29.68
CA VAL A 110 0.75 -34.65 30.60
C VAL A 110 0.17 -34.39 31.99
N THR A 111 -0.85 -33.54 32.05
CA THR A 111 -1.52 -33.16 33.30
C THR A 111 -1.96 -34.39 34.09
N ASP A 112 -2.72 -35.27 33.46
CA ASP A 112 -3.20 -36.49 34.09
C ASP A 112 -2.24 -37.65 33.89
N SER A 113 -0.99 -37.39 33.54
CA SER A 113 0.01 -38.43 33.55
C SER A 113 0.60 -38.51 34.95
N VAL A 114 0.77 -39.75 35.43
CA VAL A 114 1.50 -40.02 36.65
C VAL A 114 2.77 -40.83 36.34
N HIS A 115 3.24 -40.77 35.09
CA HIS A 115 4.63 -41.05 34.78
C HIS A 115 5.52 -40.07 35.52
N CYS A 116 6.70 -40.53 35.94
CA CYS A 116 7.72 -39.67 36.54
C CYS A 116 7.16 -38.83 37.68
N HIS A 117 6.26 -39.42 38.48
CA HIS A 117 5.65 -38.74 39.62
C HIS A 117 4.95 -37.45 39.21
N GLY A 118 4.37 -37.44 38.02
CA GLY A 118 3.70 -36.26 37.49
C GLY A 118 4.61 -35.08 37.22
N SER A 119 5.91 -35.25 37.36
CA SER A 119 6.87 -34.24 36.94
C SER A 119 6.85 -34.11 35.42
N ALA A 120 6.35 -32.99 34.91
CA ALA A 120 6.48 -32.75 33.48
C ALA A 120 7.93 -32.48 33.09
N THR A 121 8.74 -31.90 33.99
CA THR A 121 10.16 -31.70 33.69
C THR A 121 10.85 -33.03 33.38
N LEU A 122 10.63 -34.05 34.22
CA LEU A 122 11.31 -35.32 34.03
C LEU A 122 10.65 -36.19 32.97
N ILE A 123 9.38 -35.96 32.64
CA ILE A 123 8.79 -36.62 31.49
C ILE A 123 9.45 -36.10 30.22
N ALA A 124 9.59 -34.77 30.11
CA ALA A 124 10.20 -34.18 28.94
C ALA A 124 11.63 -34.68 28.75
N GLN A 125 12.39 -34.77 29.85
CA GLN A 125 13.76 -35.26 29.76
C GLN A 125 13.79 -36.74 29.38
N GLU A 126 12.89 -37.54 29.95
CA GLU A 126 12.86 -38.95 29.64
C GLU A 126 12.41 -39.22 28.21
N ILE A 127 11.77 -38.25 27.56
CA ILE A 127 11.43 -38.44 26.15
C ILE A 127 12.61 -38.08 25.26
N ARG A 128 13.36 -37.01 25.62
CA ARG A 128 14.52 -36.60 24.82
C ARG A 128 15.60 -37.67 24.82
N GLN A 129 16.09 -38.03 26.00
CA GLN A 129 16.64 -39.37 26.20
C GLN A 129 15.53 -40.33 25.83
N THR A 130 15.88 -41.41 25.12
CA THR A 130 14.93 -42.37 24.51
C THR A 130 14.82 -42.10 23.02
N ILE A 131 14.35 -40.90 22.67
CA ILE A 131 14.58 -40.41 21.31
C ILE A 131 16.05 -40.52 20.98
N PHE A 132 16.91 -40.04 21.88
CA PHE A 132 18.35 -40.15 21.68
C PHE A 132 18.77 -41.62 21.65
N ASN A 133 18.27 -42.41 22.59
CA ASN A 133 18.75 -43.78 22.71
C ASN A 133 18.24 -44.67 21.59
N GLU A 134 17.04 -44.38 21.05
CA GLU A 134 16.40 -45.26 20.06
C GLU A 134 16.48 -44.73 18.63
N LEU A 135 16.70 -43.43 18.44
CA LEU A 135 16.76 -42.87 17.09
C LEU A 135 18.07 -42.18 16.75
N GLN A 136 19.02 -42.09 17.70
CA GLN A 136 20.31 -41.43 17.51
C GLN A 136 20.15 -40.00 16.98
N LEU A 137 19.07 -39.35 17.36
CA LEU A 137 18.84 -37.94 17.10
C LEU A 137 18.44 -37.28 18.42
N THR A 138 18.61 -35.96 18.50
CA THR A 138 18.28 -35.22 19.70
C THR A 138 17.04 -34.35 19.52
N ALA A 139 16.41 -34.06 20.65
CA ALA A 139 15.25 -33.18 20.71
C ALA A 139 15.45 -32.16 21.81
N SER A 140 14.91 -30.98 21.60
CA SER A 140 14.73 -29.99 22.64
C SER A 140 13.28 -30.02 23.10
N ALA A 141 13.01 -29.44 24.27
CA ALA A 141 11.63 -29.45 24.74
C ALA A 141 11.32 -28.20 25.55
N GLY A 142 10.05 -27.85 25.59
CA GLY A 142 9.57 -26.75 26.41
C GLY A 142 8.39 -27.21 27.25
N VAL A 143 8.38 -26.78 28.51
CA VAL A 143 7.31 -27.10 29.46
C VAL A 143 6.71 -25.80 29.98
N ALA A 144 5.39 -25.65 29.85
CA ALA A 144 4.69 -24.45 30.30
C ALA A 144 3.25 -24.83 30.64
N PRO A 145 2.47 -23.90 31.22
CA PRO A 145 1.08 -24.22 31.53
C PRO A 145 0.14 -24.11 30.34
N VAL A 146 0.60 -23.63 29.18
CA VAL A 146 -0.23 -23.41 27.99
C VAL A 146 0.64 -23.67 26.77
N LYS A 147 -0.02 -23.86 25.63
CA LYS A 147 0.63 -24.31 24.39
C LYS A 147 1.75 -23.36 23.94
N PHE A 148 1.40 -22.09 23.68
CA PHE A 148 2.37 -21.20 23.07
C PHE A 148 3.58 -20.96 23.98
N LEU A 149 3.37 -20.81 25.28
CA LEU A 149 4.53 -20.67 26.15
C LEU A 149 5.38 -21.92 26.11
N ALA A 150 4.78 -23.11 25.95
CA ALA A 150 5.61 -24.31 25.87
C ALA A 150 6.37 -24.36 24.55
N LYS A 151 5.86 -23.75 23.51
CA LYS A 151 6.52 -23.81 22.22
C LYS A 151 7.71 -22.86 22.22
N ILE A 152 7.49 -21.63 22.70
CA ILE A 152 8.59 -20.70 22.88
C ILE A 152 9.68 -21.34 23.72
N ALA A 153 9.30 -22.02 24.80
CA ALA A 153 10.30 -22.55 25.71
C ALA A 153 11.15 -23.64 25.05
N SER A 154 10.64 -24.31 24.02
CA SER A 154 11.45 -25.38 23.42
C SER A 154 12.56 -24.85 22.53
N ASP A 155 12.57 -23.56 22.19
CA ASP A 155 13.68 -23.01 21.44
C ASP A 155 14.77 -22.43 22.36
N MET A 156 14.47 -22.19 23.63
CA MET A 156 15.40 -21.44 24.48
C MET A 156 16.62 -22.25 24.91
N ASN A 157 16.54 -23.56 24.92
CA ASN A 157 17.68 -24.39 25.25
C ASN A 157 17.99 -25.35 24.12
N LYS A 158 17.66 -24.96 22.90
CA LYS A 158 17.94 -25.78 21.74
C LYS A 158 19.43 -25.58 21.38
N PRO A 159 20.16 -26.64 20.93
CA PRO A 159 19.85 -28.07 20.74
C PRO A 159 20.04 -28.92 22.00
N ASN A 160 19.45 -30.12 22.04
CA ASN A 160 19.64 -31.09 23.14
C ASN A 160 19.51 -30.42 24.50
N GLY A 161 18.35 -29.83 24.74
CA GLY A 161 18.09 -29.09 25.96
C GLY A 161 16.61 -28.85 26.09
N GLN A 162 16.23 -28.26 27.22
CA GLN A 162 14.84 -27.94 27.49
C GLN A 162 14.74 -26.76 28.43
N PHE A 163 13.53 -26.25 28.58
CA PHE A 163 13.31 -25.07 29.39
C PHE A 163 11.90 -25.13 29.98
N VAL A 164 11.76 -24.77 31.27
CA VAL A 164 10.52 -24.88 32.02
C VAL A 164 10.04 -23.51 32.44
N ILE A 165 8.74 -23.25 32.26
CA ILE A 165 8.14 -21.98 32.65
C ILE A 165 6.99 -22.31 33.60
N THR A 166 7.18 -22.08 34.91
CA THR A 166 6.13 -22.28 35.91
C THR A 166 5.21 -21.07 35.91
N PRO A 167 3.98 -21.23 36.42
CA PRO A 167 3.03 -20.09 36.44
C PRO A 167 3.58 -18.89 37.17
N ALA A 168 4.31 -19.11 38.27
CA ALA A 168 4.91 -17.99 38.97
C ALA A 168 5.95 -17.28 38.09
N GLU A 169 6.65 -18.01 37.23
CA GLU A 169 7.55 -17.35 36.30
C GLU A 169 6.85 -16.67 35.11
N VAL A 170 5.55 -16.89 34.89
CA VAL A 170 4.93 -16.40 33.65
C VAL A 170 4.94 -14.88 33.52
N PRO A 171 4.54 -14.10 34.51
CA PRO A 171 4.50 -12.64 34.29
C PRO A 171 5.84 -12.01 33.94
N ALA A 172 6.94 -12.44 34.57
CA ALA A 172 8.25 -11.85 34.26
C ALA A 172 8.72 -12.29 32.88
N PHE A 173 8.51 -13.58 32.54
CA PHE A 173 8.82 -14.05 31.20
C PHE A 173 8.07 -13.25 30.15
N LEU A 174 6.82 -12.91 30.42
CA LEU A 174 6.01 -12.20 29.44
C LEU A 174 6.48 -10.78 29.19
N GLN A 175 7.04 -10.13 30.21
CA GLN A 175 7.12 -8.68 30.25
C GLN A 175 8.04 -8.11 29.17
N THR A 176 9.11 -8.82 28.82
CA THR A 176 10.07 -8.40 27.80
C THR A 176 9.99 -9.23 26.53
N LEU A 177 9.09 -10.18 26.46
CA LEU A 177 8.96 -11.10 25.32
C LEU A 177 8.54 -10.35 24.05
N PRO A 178 9.36 -10.33 23.01
CA PRO A 178 8.93 -9.67 21.78
C PRO A 178 7.69 -10.36 21.23
N LEU A 179 6.78 -9.55 20.70
CA LEU A 179 5.56 -10.12 20.12
C LEU A 179 5.87 -11.12 19.02
N ALA A 180 6.96 -10.90 18.26
CA ALA A 180 7.24 -11.74 17.10
C ALA A 180 7.61 -13.16 17.49
N LYS A 181 7.94 -13.39 18.77
CA LYS A 181 8.19 -14.75 19.24
C LYS A 181 6.91 -15.55 19.44
N ILE A 182 5.76 -14.89 19.51
CA ILE A 182 4.51 -15.60 19.65
C ILE A 182 4.19 -16.32 18.35
N PRO A 183 4.01 -17.64 18.39
CA PRO A 183 3.62 -18.38 17.18
C PRO A 183 2.36 -17.80 16.58
N GLY A 184 2.44 -17.40 15.30
CA GLY A 184 1.37 -16.70 14.62
C GLY A 184 1.58 -15.21 14.44
N VAL A 185 2.49 -14.61 15.17
CA VAL A 185 2.88 -13.23 14.89
C VAL A 185 4.12 -13.35 14.05
N GLY A 186 3.95 -13.12 12.73
CA GLY A 186 5.03 -13.15 11.78
C GLY A 186 5.57 -11.78 11.47
N LYS A 187 6.32 -11.71 10.37
CA LYS A 187 7.03 -10.49 9.97
C LYS A 187 6.07 -9.34 9.72
N VAL A 188 4.98 -9.59 9.00
CA VAL A 188 4.09 -8.49 8.64
C VAL A 188 3.43 -7.91 9.88
N SER A 189 2.82 -8.79 10.68
CA SER A 189 2.19 -8.39 11.94
C SER A 189 3.20 -7.72 12.88
N ALA A 190 4.40 -8.28 13.00
CA ALA A 190 5.36 -7.65 13.91
C ALA A 190 5.70 -6.25 13.44
N ALA A 191 5.79 -6.06 12.11
CA ALA A 191 6.16 -4.74 11.60
C ALA A 191 5.02 -3.74 11.76
N LYS A 192 3.76 -4.19 11.73
CA LYS A 192 2.66 -3.29 12.04
C LYS A 192 2.63 -2.93 13.52
N LEU A 193 2.63 -3.94 14.38
CA LEU A 193 2.73 -3.73 15.83
C LEU A 193 3.89 -2.78 16.15
N GLU A 194 5.09 -3.10 15.65
CA GLU A 194 6.22 -2.21 15.88
C GLU A 194 5.94 -0.78 15.42
N ALA A 195 5.21 -0.62 14.31
CA ALA A 195 5.03 0.73 13.78
C ALA A 195 4.05 1.57 14.59
N MET A 196 3.26 0.98 15.48
CA MET A 196 2.49 1.77 16.43
C MET A 196 3.03 1.67 17.85
N GLY A 197 4.26 1.19 18.02
CA GLY A 197 4.90 1.17 19.32
C GLY A 197 4.66 -0.06 20.15
N LEU A 198 4.37 -1.19 19.54
CA LEU A 198 4.12 -2.43 20.25
C LEU A 198 5.21 -3.41 19.84
N ARG A 199 6.07 -3.75 20.79
CA ARG A 199 7.19 -4.66 20.54
C ARG A 199 7.14 -5.89 21.42
N THR A 200 6.64 -5.77 22.63
CA THR A 200 6.68 -6.85 23.61
C THR A 200 5.28 -7.11 24.14
N CYS A 201 5.11 -8.25 24.81
CA CYS A 201 3.83 -8.53 25.44
C CYS A 201 3.54 -7.49 26.50
N GLY A 202 4.57 -7.07 27.24
CA GLY A 202 4.41 -6.00 28.20
C GLY A 202 3.81 -4.75 27.60
N ASP A 203 4.16 -4.45 26.34
CA ASP A 203 3.54 -3.33 25.64
C ASP A 203 2.05 -3.56 25.41
N VAL A 204 1.68 -4.75 24.94
CA VAL A 204 0.28 -5.02 24.63
C VAL A 204 -0.56 -5.09 25.91
N GLN A 205 0.04 -5.43 27.05
CA GLN A 205 -0.71 -5.43 28.31
C GLN A 205 -1.20 -4.05 28.67
N LYS A 206 -0.48 -3.00 28.26
CA LYS A 206 -0.92 -1.63 28.46
C LYS A 206 -1.94 -1.18 27.39
N CYS A 207 -2.54 -2.12 26.66
CA CYS A 207 -3.43 -1.79 25.55
C CYS A 207 -4.86 -2.20 25.87
N ASP A 208 -5.78 -1.43 25.31
CA ASP A 208 -7.20 -1.67 25.49
C ASP A 208 -7.66 -2.72 24.48
N LEU A 209 -8.37 -3.74 24.99
CA LEU A 209 -8.86 -4.82 24.13
C LEU A 209 -9.69 -4.27 22.98
N VAL A 210 -10.65 -3.38 23.28
CA VAL A 210 -11.54 -2.90 22.24
C VAL A 210 -10.75 -2.30 21.07
N MET A 211 -9.73 -1.51 21.38
CA MET A 211 -8.92 -0.91 20.31
C MET A 211 -8.24 -1.99 19.48
N LEU A 212 -7.68 -3.00 20.15
CA LEU A 212 -7.02 -4.09 19.43
C LEU A 212 -8.02 -4.88 18.58
N LEU A 213 -9.26 -5.06 19.07
CA LEU A 213 -10.28 -5.74 18.28
C LEU A 213 -10.61 -4.93 17.03
N LYS A 214 -10.77 -3.62 17.18
CA LYS A 214 -11.07 -2.78 16.02
C LYS A 214 -9.93 -2.80 15.00
N ARG A 215 -8.68 -2.72 15.48
CA ARG A 215 -7.54 -2.63 14.58
C ARG A 215 -7.17 -3.95 13.93
N PHE A 216 -7.55 -5.08 14.53
CA PHE A 216 -7.01 -6.38 14.10
C PHE A 216 -8.01 -7.52 14.08
N GLY A 217 -9.23 -7.34 14.56
CA GLY A 217 -10.18 -8.45 14.53
C GLY A 217 -9.81 -9.51 15.56
N LYS A 218 -10.15 -10.77 15.24
CA LYS A 218 -9.85 -11.86 16.15
C LYS A 218 -8.36 -11.98 16.43
N PHE A 219 -7.52 -11.52 15.51
CA PHE A 219 -6.09 -11.48 15.78
C PHE A 219 -5.77 -10.57 16.95
N GLY A 220 -6.48 -9.44 17.05
CA GLY A 220 -6.28 -8.55 18.18
C GLY A 220 -6.63 -9.20 19.50
N ARG A 221 -7.72 -9.99 19.53
CA ARG A 221 -8.04 -10.74 20.74
C ARG A 221 -6.97 -11.77 21.05
N ILE A 222 -6.45 -12.47 20.04
CA ILE A 222 -5.37 -13.41 20.29
C ILE A 222 -4.18 -12.69 20.90
N LEU A 223 -3.92 -11.48 20.44
CA LEU A 223 -2.71 -10.77 20.79
C LEU A 223 -2.79 -10.28 22.23
N TRP A 224 -3.96 -9.81 22.62
CA TRP A 224 -4.21 -9.43 24.00
C TRP A 224 -4.16 -10.64 24.93
N GLU A 225 -4.73 -11.77 24.51
CA GLU A 225 -4.72 -12.96 25.37
C GLU A 225 -3.30 -13.44 25.63
N ARG A 226 -2.58 -13.80 24.55
CA ARG A 226 -1.20 -14.31 24.68
C ARG A 226 -0.33 -13.36 25.48
N SER A 227 -0.53 -12.06 25.32
CA SER A 227 0.23 -11.08 26.05
C SER A 227 0.06 -11.20 27.56
N GLN A 228 -0.85 -12.06 28.02
CA GLN A 228 -1.09 -12.22 29.44
C GLN A 228 -0.90 -13.65 29.88
N GLY A 229 -0.38 -14.50 29.00
CA GLY A 229 -0.29 -15.91 29.25
C GLY A 229 -1.58 -16.66 28.98
N ILE A 230 -2.64 -15.98 28.56
CA ILE A 230 -3.92 -16.64 28.32
C ILE A 230 -3.80 -17.39 27.02
N ASP A 231 -3.84 -18.71 27.08
CA ASP A 231 -3.92 -19.52 25.88
C ASP A 231 -4.61 -20.81 26.28
N GLU A 232 -5.94 -20.82 26.11
CA GLU A 232 -6.75 -21.93 26.60
C GLU A 232 -6.93 -23.06 25.59
N ARG A 233 -6.22 -23.01 24.46
CA ARG A 233 -6.41 -24.03 23.44
C ARG A 233 -6.00 -25.38 23.98
N ASP A 234 -6.88 -26.37 23.79
CA ASP A 234 -6.61 -27.73 24.23
C ASP A 234 -5.67 -28.44 23.26
N VAL A 235 -4.82 -29.31 23.79
CA VAL A 235 -4.10 -30.24 22.95
C VAL A 235 -5.09 -31.16 22.26
N ASN A 236 -5.14 -31.11 20.93
CA ASN A 236 -6.25 -31.75 20.24
C ASN A 236 -6.15 -33.26 20.14
N SER A 237 -5.26 -33.76 19.29
CA SER A 237 -4.97 -35.18 19.04
C SER A 237 -5.88 -35.84 18.02
N GLU A 238 -6.92 -35.17 17.51
CA GLU A 238 -7.69 -35.77 16.42
C GLU A 238 -7.90 -34.79 15.27
N ARG A 239 -6.87 -34.01 14.95
CA ARG A 239 -6.88 -33.22 13.74
C ARG A 239 -6.60 -34.12 12.54
N LEU A 240 -7.29 -33.86 11.44
CA LEU A 240 -7.14 -34.63 10.22
C LEU A 240 -6.72 -33.70 9.10
N ARG A 241 -5.96 -34.24 8.15
CA ARG A 241 -5.54 -33.44 7.00
C ARG A 241 -6.75 -33.07 6.15
N LYS A 242 -6.83 -31.81 5.72
CA LYS A 242 -7.97 -31.31 4.97
C LYS A 242 -7.70 -31.14 3.48
N SER A 243 -6.45 -31.18 3.03
CA SER A 243 -6.12 -30.91 1.63
C SER A 243 -4.85 -31.64 1.27
N VAL A 244 -4.63 -31.84 -0.03
CA VAL A 244 -3.32 -32.26 -0.51
C VAL A 244 -3.02 -31.54 -1.82
N GLY A 245 -1.80 -31.03 -1.93
CA GLY A 245 -1.42 -30.23 -3.07
C GLY A 245 -0.08 -30.71 -3.57
N VAL A 246 0.16 -30.46 -4.86
CA VAL A 246 1.44 -30.76 -5.51
C VAL A 246 1.76 -29.61 -6.44
N GLU A 247 2.90 -28.98 -6.23
CA GLU A 247 3.32 -27.86 -7.04
C GLU A 247 4.80 -28.01 -7.31
N ARG A 248 5.27 -27.39 -8.40
CA ARG A 248 6.67 -27.48 -8.82
C ARG A 248 7.14 -26.16 -9.38
N THR A 249 8.37 -25.77 -9.03
CA THR A 249 8.99 -24.55 -9.53
C THR A 249 10.06 -24.93 -10.56
N MET A 250 9.84 -24.57 -11.82
CA MET A 250 10.83 -24.92 -12.84
C MET A 250 12.11 -24.10 -12.67
N ALA A 251 13.19 -24.62 -13.24
CA ALA A 251 14.43 -23.87 -13.21
C ALA A 251 14.33 -22.65 -14.11
N GLU A 252 13.49 -22.71 -15.14
CA GLU A 252 13.31 -21.64 -16.11
C GLU A 252 11.83 -21.26 -16.17
N ASP A 253 11.55 -19.96 -16.24
CA ASP A 253 10.19 -19.50 -16.47
C ASP A 253 9.63 -20.09 -17.77
N ILE A 254 8.41 -20.64 -17.71
CA ILE A 254 7.72 -21.11 -18.90
C ILE A 254 6.89 -19.96 -19.45
N HIS A 255 6.78 -19.92 -20.77
CA HIS A 255 6.01 -18.88 -21.44
C HIS A 255 4.96 -19.42 -22.39
N HIS A 256 4.89 -20.75 -22.60
CA HIS A 256 3.97 -21.34 -23.57
C HIS A 256 3.10 -22.40 -22.89
N TRP A 257 1.82 -22.40 -23.27
CA TRP A 257 0.86 -23.30 -22.67
C TRP A 257 1.22 -24.76 -22.91
N SER A 258 1.92 -25.07 -24.00
CA SER A 258 2.37 -26.45 -24.16
C SER A 258 3.34 -26.83 -23.05
N GLU A 259 4.14 -25.87 -22.60
CA GLU A 259 5.04 -26.14 -21.48
C GLU A 259 4.26 -26.38 -20.19
N CYS A 260 3.22 -25.57 -19.94
CA CYS A 260 2.42 -25.72 -18.74
C CYS A 260 1.73 -27.08 -18.72
N GLU A 261 1.05 -27.44 -19.81
CA GLU A 261 0.32 -28.70 -19.87
C GLU A 261 1.26 -29.88 -19.65
N ALA A 262 2.43 -29.86 -20.28
CA ALA A 262 3.39 -30.95 -20.06
C ALA A 262 3.77 -31.05 -18.58
N ILE A 263 3.89 -29.91 -17.88
CA ILE A 263 4.21 -29.95 -16.45
C ILE A 263 3.07 -30.58 -15.66
N ILE A 264 1.83 -30.15 -15.94
CA ILE A 264 0.65 -30.74 -15.31
C ILE A 264 0.61 -32.24 -15.52
N GLU A 265 0.99 -32.69 -16.73
CA GLU A 265 0.93 -34.12 -16.98
C GLU A 265 1.89 -34.89 -16.06
N ARG A 266 3.02 -34.29 -15.69
CA ARG A 266 3.90 -34.97 -14.76
C ARG A 266 3.41 -34.85 -13.31
N LEU A 267 2.79 -33.71 -12.97
CA LEU A 267 2.30 -33.47 -11.61
C LEU A 267 1.17 -34.42 -11.23
N TYR A 268 0.20 -34.60 -12.14
CA TYR A 268 -1.03 -35.33 -11.85
C TYR A 268 -0.81 -36.74 -11.28
N PRO A 269 0.03 -37.60 -11.88
CA PRO A 269 0.23 -38.93 -11.28
C PRO A 269 0.65 -38.86 -9.82
N GLU A 270 1.51 -37.91 -9.45
CA GLU A 270 1.95 -37.73 -8.07
C GLU A 270 0.79 -37.37 -7.15
N LEU A 271 -0.05 -36.41 -7.57
CA LEU A 271 -1.22 -36.04 -6.79
C LEU A 271 -2.18 -37.21 -6.65
N GLU A 272 -2.40 -37.97 -7.73
CA GLU A 272 -3.27 -39.13 -7.62
C GLU A 272 -2.69 -40.15 -6.65
N ARG A 273 -1.39 -40.41 -6.76
CA ARG A 273 -0.76 -41.43 -5.94
C ARG A 273 -0.86 -41.09 -4.47
N ARG A 274 -0.74 -39.80 -4.13
CA ARG A 274 -0.81 -39.37 -2.75
C ARG A 274 -2.24 -39.31 -2.25
N LEU A 275 -3.18 -38.87 -3.09
CA LEU A 275 -4.58 -38.88 -2.67
C LEU A 275 -5.04 -40.29 -2.37
N ALA A 276 -4.65 -41.26 -3.20
CA ALA A 276 -5.10 -42.64 -3.02
C ALA A 276 -4.62 -43.22 -1.70
N LYS A 277 -3.48 -42.76 -1.18
CA LYS A 277 -3.02 -43.23 0.12
C LYS A 277 -4.03 -42.95 1.21
N VAL A 278 -4.83 -41.90 1.07
CA VAL A 278 -5.77 -41.47 2.10
C VAL A 278 -7.22 -41.61 1.62
N LYS A 279 -7.44 -41.53 0.30
CA LYS A 279 -8.77 -41.79 -0.26
C LYS A 279 -8.63 -42.70 -1.48
N PRO A 280 -8.70 -44.01 -1.27
CA PRO A 280 -8.67 -44.95 -2.40
C PRO A 280 -9.62 -44.61 -3.53
N ASP A 281 -10.84 -44.20 -3.22
CA ASP A 281 -11.80 -43.95 -4.28
C ASP A 281 -11.60 -42.59 -4.97
N LEU A 282 -10.64 -41.80 -4.52
CA LEU A 282 -10.36 -40.46 -5.04
C LEU A 282 -11.53 -39.49 -4.85
N LEU A 283 -12.51 -39.84 -4.02
CA LEU A 283 -13.63 -38.94 -3.81
C LEU A 283 -13.19 -37.74 -2.98
N ILE A 284 -13.51 -36.54 -3.46
CA ILE A 284 -12.99 -35.30 -2.90
C ILE A 284 -14.09 -34.27 -2.85
N ALA A 285 -13.78 -33.14 -2.23
CA ALA A 285 -14.71 -32.01 -2.15
C ALA A 285 -14.47 -30.96 -3.22
N ARG A 286 -13.20 -30.63 -3.50
CA ARG A 286 -12.87 -29.57 -4.42
C ARG A 286 -11.52 -29.86 -5.05
N GLN A 287 -11.32 -29.40 -6.29
CA GLN A 287 -10.00 -29.52 -6.92
C GLN A 287 -9.70 -28.25 -7.70
N GLY A 288 -8.40 -28.01 -7.91
CA GLY A 288 -8.01 -26.75 -8.53
C GLY A 288 -6.54 -26.68 -8.82
N VAL A 289 -6.11 -25.48 -9.21
CA VAL A 289 -4.78 -25.29 -9.75
C VAL A 289 -4.17 -24.02 -9.19
N LYS A 290 -2.86 -23.91 -9.41
CA LYS A 290 -2.07 -22.79 -8.94
C LYS A 290 -1.02 -22.42 -9.97
N LEU A 291 -0.96 -21.14 -10.29
CA LEU A 291 0.13 -20.59 -11.09
C LEU A 291 0.80 -19.48 -10.29
N LYS A 292 2.12 -19.45 -10.32
CA LYS A 292 2.90 -18.35 -9.78
C LYS A 292 3.70 -17.74 -10.92
N PHE A 293 3.54 -16.43 -11.10
CA PHE A 293 4.16 -15.71 -12.20
C PHE A 293 5.56 -15.22 -11.83
N ASP A 294 6.24 -14.64 -12.83
CA ASP A 294 7.61 -14.18 -12.64
C ASP A 294 7.70 -12.89 -11.81
N ASP A 295 6.60 -12.14 -11.69
CA ASP A 295 6.47 -11.05 -10.73
C ASP A 295 6.00 -11.54 -9.35
N PHE A 296 5.93 -12.85 -9.15
CA PHE A 296 5.67 -13.48 -7.85
C PHE A 296 4.26 -13.34 -7.32
N GLN A 297 3.38 -12.58 -7.98
CA GLN A 297 1.96 -12.73 -7.68
C GLN A 297 1.54 -14.17 -7.98
N GLN A 298 0.57 -14.66 -7.24
CA GLN A 298 0.10 -16.01 -7.48
C GLN A 298 -1.41 -16.03 -7.42
N THR A 299 -1.98 -17.03 -8.07
CA THR A 299 -3.43 -17.17 -8.15
C THR A 299 -3.76 -18.64 -8.09
N THR A 300 -4.91 -18.94 -7.49
CA THR A 300 -5.50 -20.26 -7.43
C THR A 300 -6.90 -20.18 -8.00
N GLN A 301 -7.34 -21.22 -8.67
CA GLN A 301 -8.76 -21.32 -8.93
C GLN A 301 -9.12 -22.77 -8.75
N GLU A 302 -10.12 -22.96 -7.92
CA GLU A 302 -10.56 -24.26 -7.47
C GLU A 302 -12.07 -24.25 -7.54
N HIS A 303 -12.66 -25.42 -7.54
CA HIS A 303 -14.12 -25.47 -7.54
C HIS A 303 -14.56 -26.77 -6.90
N VAL A 304 -15.80 -26.77 -6.41
CA VAL A 304 -16.53 -28.00 -6.07
C VAL A 304 -16.39 -29.04 -7.17
N TRP A 305 -15.85 -30.21 -6.83
CA TRP A 305 -15.70 -31.27 -7.82
C TRP A 305 -15.61 -32.57 -7.04
N PRO A 306 -16.20 -33.66 -7.52
CA PRO A 306 -16.41 -34.84 -6.68
C PRO A 306 -15.34 -35.92 -6.73
N ARG A 307 -14.36 -35.81 -7.63
CA ARG A 307 -13.37 -36.87 -7.84
C ARG A 307 -12.18 -36.34 -8.64
N LEU A 308 -10.97 -36.60 -8.14
CA LEU A 308 -9.73 -36.28 -8.85
C LEU A 308 -9.86 -36.56 -10.34
N ASN A 309 -9.66 -35.53 -11.17
CA ASN A 309 -9.89 -35.64 -12.61
C ASN A 309 -8.85 -34.81 -13.35
N LYS A 310 -8.03 -35.48 -14.17
CA LYS A 310 -6.91 -34.79 -14.83
C LYS A 310 -7.38 -33.75 -15.82
N ALA A 311 -8.41 -34.09 -16.62
CA ALA A 311 -8.81 -33.19 -17.70
C ALA A 311 -9.42 -31.91 -17.17
N ASP A 312 -10.26 -31.99 -16.13
CA ASP A 312 -10.79 -30.75 -15.58
C ASP A 312 -9.66 -29.89 -14.99
N LEU A 313 -8.60 -30.51 -14.50
CA LEU A 313 -7.50 -29.70 -13.97
C LEU A 313 -6.76 -29.02 -15.11
N ILE A 314 -6.44 -29.79 -16.17
CA ILE A 314 -5.90 -29.20 -17.38
C ILE A 314 -6.81 -28.09 -17.89
N ALA A 315 -8.12 -28.38 -17.98
CA ALA A 315 -9.07 -27.39 -18.46
C ALA A 315 -8.97 -26.10 -17.65
N THR A 316 -9.14 -26.20 -16.34
CA THR A 316 -9.17 -24.99 -15.55
C THR A 316 -7.82 -24.29 -15.55
N ALA A 317 -6.73 -25.06 -15.62
CA ALA A 317 -5.40 -24.47 -15.81
C ALA A 317 -5.33 -23.64 -17.10
N ARG A 318 -5.74 -24.23 -18.24
CA ARG A 318 -5.73 -23.46 -19.48
C ARG A 318 -6.50 -22.17 -19.32
N LYS A 319 -7.67 -22.24 -18.67
CA LYS A 319 -8.47 -21.04 -18.42
C LYS A 319 -7.66 -20.01 -17.63
N THR A 320 -7.11 -20.43 -16.47
CA THR A 320 -6.26 -19.57 -15.65
C THR A 320 -5.13 -18.97 -16.47
N TRP A 321 -4.45 -19.83 -17.24
CA TRP A 321 -3.37 -19.37 -18.11
C TRP A 321 -3.85 -18.25 -19.01
N ASP A 322 -4.96 -18.45 -19.72
CA ASP A 322 -5.44 -17.40 -20.63
C ASP A 322 -5.94 -16.20 -19.86
N GLU A 323 -6.80 -16.44 -18.86
CA GLU A 323 -7.59 -15.36 -18.27
C GLU A 323 -6.80 -14.48 -17.32
N ARG A 324 -5.64 -14.93 -16.85
CA ARG A 324 -4.90 -14.13 -15.87
C ARG A 324 -3.43 -14.57 -15.93
N ARG A 325 -2.66 -13.88 -16.77
CA ARG A 325 -1.24 -14.17 -16.91
C ARG A 325 -0.55 -12.98 -17.59
N GLY A 326 -1.30 -12.25 -18.41
CA GLY A 326 -0.79 -11.03 -19.02
C GLY A 326 0.58 -11.18 -19.63
N GLY A 327 0.85 -12.32 -20.24
CA GLY A 327 2.15 -12.55 -20.85
C GLY A 327 3.33 -12.53 -19.90
N ARG A 328 3.10 -12.59 -18.59
CA ARG A 328 4.20 -12.79 -17.66
C ARG A 328 4.71 -14.22 -17.81
N GLY A 329 6.00 -14.42 -17.49
CA GLY A 329 6.48 -15.77 -17.32
C GLY A 329 5.86 -16.43 -16.09
N VAL A 330 5.87 -17.76 -16.10
CA VAL A 330 5.30 -18.54 -15.04
C VAL A 330 6.44 -19.35 -14.43
N ARG A 331 6.62 -19.24 -13.12
CA ARG A 331 7.68 -19.97 -12.44
C ARG A 331 7.19 -21.24 -11.74
N LEU A 332 5.89 -21.37 -11.49
CA LEU A 332 5.40 -22.52 -10.75
C LEU A 332 4.01 -22.93 -11.22
N VAL A 333 3.79 -24.23 -11.28
CA VAL A 333 2.48 -24.80 -11.56
C VAL A 333 2.13 -25.74 -10.42
N GLY A 334 0.90 -25.68 -9.94
CA GLY A 334 0.49 -26.56 -8.86
C GLY A 334 -0.93 -27.05 -9.05
N LEU A 335 -1.15 -28.30 -8.64
CA LEU A 335 -2.47 -28.90 -8.52
C LEU A 335 -2.87 -28.97 -7.05
N HIS A 336 -4.17 -28.97 -6.78
CA HIS A 336 -4.69 -28.90 -5.42
C HIS A 336 -6.01 -29.65 -5.30
N VAL A 337 -6.31 -30.11 -4.09
CA VAL A 337 -7.50 -30.91 -3.81
C VAL A 337 -7.94 -30.63 -2.38
N THR A 338 -9.21 -30.33 -2.19
CA THR A 338 -9.77 -30.19 -0.84
C THR A 338 -10.54 -31.45 -0.49
N LEU A 339 -10.22 -32.05 0.66
CA LEU A 339 -10.72 -33.37 0.98
C LEU A 339 -12.13 -33.30 1.54
N LEU A 340 -12.86 -34.40 1.40
CA LEU A 340 -14.20 -34.45 1.98
C LEU A 340 -14.10 -34.33 3.50
N ASP A 341 -15.18 -33.84 4.11
CA ASP A 341 -15.24 -33.45 5.51
C ASP A 341 -15.03 -34.54 6.57
N PRO A 342 -15.28 -35.84 6.31
CA PRO A 342 -15.29 -36.62 7.57
C PRO A 342 -13.93 -37.04 8.07
N GLY B 1 -27.06 48.82 -16.12
CA GLY B 1 -27.00 47.65 -15.26
C GLY B 1 -25.75 46.79 -15.42
N SER B 2 -24.61 47.32 -15.00
CA SER B 2 -23.35 46.59 -15.00
C SER B 2 -23.02 46.08 -13.61
N ARG B 3 -22.40 44.91 -13.56
CA ARG B 3 -21.91 44.35 -12.32
C ARG B 3 -20.50 44.86 -12.04
N LYS B 4 -20.15 44.93 -10.76
CA LYS B 4 -18.80 45.28 -10.31
C LYS B 4 -18.20 44.03 -9.66
N ILE B 5 -17.23 43.43 -10.34
CA ILE B 5 -16.60 42.19 -9.90
C ILE B 5 -15.12 42.44 -9.68
N ILE B 6 -14.61 42.01 -8.53
CA ILE B 6 -13.19 42.05 -8.26
C ILE B 6 -12.71 40.62 -8.05
N HIS B 7 -11.53 40.31 -8.58
CA HIS B 7 -10.82 39.06 -8.33
C HIS B 7 -9.56 39.43 -7.55
N VAL B 8 -9.35 38.79 -6.40
CA VAL B 8 -8.18 39.05 -5.55
C VAL B 8 -7.28 37.82 -5.60
N ASP B 9 -5.99 38.04 -5.82
CA ASP B 9 -5.05 36.95 -6.01
C ASP B 9 -3.78 37.20 -5.21
N MET B 10 -3.44 36.27 -4.31
CA MET B 10 -2.23 36.41 -3.51
C MET B 10 -0.99 36.30 -4.39
N ASP B 11 0.04 37.08 -4.04
CA ASP B 11 1.29 37.08 -4.78
C ASP B 11 2.20 35.98 -4.26
N CYS B 12 2.66 35.12 -5.19
CA CYS B 12 3.59 34.02 -4.92
C CYS B 12 3.27 33.35 -3.59
N PHE B 13 2.03 32.84 -3.52
CA PHE B 13 1.38 32.61 -2.24
C PHE B 13 2.25 31.81 -1.28
N PHE B 14 2.67 30.61 -1.69
CA PHE B 14 3.38 29.74 -0.74
C PHE B 14 4.75 30.30 -0.41
N ALA B 15 5.34 31.05 -1.34
CA ALA B 15 6.65 31.63 -1.08
C ALA B 15 6.55 32.87 -0.20
N ALA B 16 5.47 33.64 -0.31
CA ALA B 16 5.33 34.83 0.53
C ALA B 16 4.99 34.47 1.97
N VAL B 17 4.36 33.31 2.19
CA VAL B 17 4.22 32.82 3.56
C VAL B 17 5.58 32.44 4.10
N GLU B 18 6.38 31.74 3.29
CA GLU B 18 7.69 31.31 3.74
C GLU B 18 8.64 32.49 3.96
N MET B 19 8.52 33.54 3.15
CA MET B 19 9.41 34.67 3.34
C MET B 19 8.98 35.53 4.52
N ARG B 20 7.66 35.66 4.75
CA ARG B 20 7.21 36.43 5.90
C ARG B 20 7.63 35.78 7.21
N ASP B 21 7.63 34.44 7.24
CA ASP B 21 8.03 33.68 8.40
C ASP B 21 9.53 33.37 8.44
N ASN B 22 10.25 33.72 7.38
CA ASN B 22 11.71 33.59 7.38
C ASN B 22 12.31 34.69 6.51
N PRO B 23 12.58 35.86 7.09
CA PRO B 23 13.19 36.97 6.32
C PRO B 23 14.56 36.64 5.73
N ALA B 24 15.24 35.61 6.23
CA ALA B 24 16.49 35.18 5.61
C ALA B 24 16.29 34.63 4.20
N LEU B 25 15.03 34.39 3.79
CA LEU B 25 14.70 33.86 2.49
C LEU B 25 14.17 34.91 1.52
N ARG B 26 14.30 36.21 1.84
CA ARG B 26 13.67 37.23 1.02
C ARG B 26 14.45 37.49 -0.27
N ASP B 27 15.76 37.75 -0.17
CA ASP B 27 16.60 38.02 -1.33
C ASP B 27 17.16 36.76 -1.96
N ILE B 28 16.59 35.60 -1.64
CA ILE B 28 17.16 34.31 -2.01
C ILE B 28 16.20 33.63 -2.98
N PRO B 29 16.67 32.99 -4.05
CA PRO B 29 15.75 32.21 -4.89
C PRO B 29 15.20 31.02 -4.14
N ILE B 30 13.91 31.06 -3.79
CA ILE B 30 13.29 29.96 -3.07
C ILE B 30 12.18 29.36 -3.93
N ALA B 31 11.89 28.09 -3.66
CA ALA B 31 10.82 27.37 -4.31
C ALA B 31 10.17 26.43 -3.30
N ILE B 32 8.88 26.25 -3.44
CA ILE B 32 8.16 25.23 -2.70
C ILE B 32 7.91 24.08 -3.68
N GLY B 33 8.42 22.89 -3.33
CA GLY B 33 8.32 21.76 -4.21
C GLY B 33 9.06 20.57 -3.65
N GLY B 34 9.05 19.49 -4.41
CA GLY B 34 9.68 18.24 -4.01
C GLY B 34 11.05 18.08 -4.65
N SER B 35 11.96 17.44 -3.89
CA SER B 35 13.31 17.19 -4.39
C SER B 35 13.27 16.31 -5.62
N ARG B 36 14.32 16.42 -6.44
CA ARG B 36 14.46 15.53 -7.57
C ARG B 36 14.51 14.07 -7.14
N GLU B 37 15.12 13.80 -5.98
CA GLU B 37 15.08 12.46 -5.39
C GLU B 37 13.66 11.90 -5.42
N ARG B 38 12.70 12.72 -4.98
CA ARG B 38 11.30 12.32 -4.88
C ARG B 38 10.55 12.44 -6.21
N ARG B 39 11.26 12.82 -7.28
CA ARG B 39 10.67 12.98 -8.62
C ARG B 39 9.59 14.07 -8.63
N GLY B 40 9.91 15.20 -8.00
CA GLY B 40 8.95 16.25 -7.75
C GLY B 40 8.98 17.40 -8.76
N VAL B 41 8.03 18.31 -8.59
CA VAL B 41 7.89 19.51 -9.40
C VAL B 41 7.82 20.72 -8.47
N ILE B 42 7.89 21.89 -9.08
CA ILE B 42 7.86 23.15 -8.34
C ILE B 42 6.41 23.59 -8.17
N SER B 43 6.00 23.77 -6.91
CA SER B 43 4.66 24.30 -6.63
C SER B 43 4.59 25.79 -6.96
N THR B 44 5.54 26.56 -6.45
CA THR B 44 5.64 27.97 -6.79
C THR B 44 7.04 28.44 -6.41
N ALA B 45 7.27 29.74 -6.54
CA ALA B 45 8.61 30.29 -6.47
C ALA B 45 8.49 31.78 -6.24
N ASN B 46 9.48 32.36 -5.57
CA ASN B 46 9.47 33.80 -5.33
C ASN B 46 10.13 34.52 -6.51
N TYR B 47 10.09 35.84 -6.47
CA TYR B 47 10.50 36.58 -7.66
C TYR B 47 11.98 36.42 -7.95
N PRO B 48 12.87 36.41 -6.94
CA PRO B 48 14.26 36.02 -7.22
C PRO B 48 14.39 34.74 -8.01
N ALA B 49 13.64 33.69 -7.66
CA ALA B 49 13.74 32.43 -8.41
C ALA B 49 13.25 32.60 -9.83
N ARG B 50 12.18 33.38 -10.02
CA ARG B 50 11.53 33.48 -11.32
C ARG B 50 12.36 34.19 -12.37
N LYS B 51 13.34 35.00 -11.96
CA LYS B 51 14.15 35.63 -13.00
C LYS B 51 15.13 34.63 -13.61
N PHE B 52 15.47 33.55 -12.90
CA PHE B 52 16.20 32.43 -13.48
C PHE B 52 15.31 31.56 -14.34
N GLY B 53 14.00 31.81 -14.36
CA GLY B 53 13.07 31.07 -15.19
C GLY B 53 12.22 30.06 -14.46
N VAL B 54 12.32 29.98 -13.13
CA VAL B 54 11.59 28.96 -12.39
C VAL B 54 10.09 29.26 -12.47
N ARG B 55 9.32 28.23 -12.72
CA ARG B 55 7.87 28.38 -12.82
C ARG B 55 7.18 27.29 -12.02
N SER B 56 5.94 27.58 -11.61
CA SER B 56 5.10 26.52 -11.09
C SER B 56 4.99 25.40 -12.13
N ALA B 57 4.91 24.16 -11.65
CA ALA B 57 4.77 22.94 -12.44
C ALA B 57 6.05 22.54 -13.18
N MET B 58 7.12 23.26 -13.03
CA MET B 58 8.37 22.84 -13.64
C MET B 58 8.97 21.65 -12.86
N PRO B 59 9.42 20.61 -13.56
CA PRO B 59 10.12 19.53 -12.88
C PRO B 59 11.32 20.07 -12.13
N THR B 60 11.49 19.62 -10.88
CA THR B 60 12.47 20.25 -9.99
C THR B 60 13.88 20.16 -10.57
N GLY B 61 14.20 19.06 -11.24
CA GLY B 61 15.51 18.93 -11.86
C GLY B 61 15.77 20.03 -12.89
N MET B 62 14.74 20.43 -13.62
CA MET B 62 14.86 21.59 -14.49
C MET B 62 15.08 22.85 -13.68
N ALA B 63 14.30 23.04 -12.60
CA ALA B 63 14.46 24.22 -11.75
C ALA B 63 15.87 24.36 -11.21
N LEU B 64 16.55 23.23 -10.97
CA LEU B 64 17.92 23.29 -10.47
C LEU B 64 18.92 23.58 -11.57
N LYS B 65 18.70 23.02 -12.77
CA LYS B 65 19.58 23.37 -13.88
C LYS B 65 19.41 24.82 -14.29
N LEU B 66 18.20 25.39 -14.11
CA LEU B 66 17.98 26.81 -14.39
C LEU B 66 18.51 27.69 -13.27
N CYS B 67 18.56 27.18 -12.04
CA CYS B 67 18.90 27.99 -10.87
C CYS B 67 19.58 27.10 -9.85
N PRO B 68 20.90 26.92 -9.98
CA PRO B 68 21.60 25.96 -9.10
C PRO B 68 21.59 26.38 -7.65
N HIS B 69 21.40 27.66 -7.36
CA HIS B 69 21.31 28.16 -5.99
C HIS B 69 19.90 28.14 -5.43
N LEU B 70 18.97 27.51 -6.14
CA LEU B 70 17.59 27.43 -5.68
C LEU B 70 17.51 26.75 -4.32
N THR B 71 16.86 27.42 -3.37
CA THR B 71 16.50 26.80 -2.10
C THR B 71 15.12 26.15 -2.22
N LEU B 72 15.03 24.90 -1.82
CA LEU B 72 13.84 24.08 -2.01
C LEU B 72 13.12 23.92 -0.67
N LEU B 73 11.84 24.27 -0.64
CA LEU B 73 11.09 24.12 0.59
C LEU B 73 9.97 23.11 0.40
N PRO B 74 9.71 22.26 1.41
CA PRO B 74 8.67 21.23 1.26
C PRO B 74 7.25 21.74 1.42
N GLY B 75 7.07 22.95 1.95
CA GLY B 75 5.75 23.49 2.13
C GLY B 75 5.13 23.17 3.49
N ARG B 76 4.48 24.15 4.08
CA ARG B 76 3.78 23.98 5.34
C ARG B 76 2.31 24.31 5.04
N PHE B 77 1.53 23.27 4.75
CA PHE B 77 0.14 23.49 4.35
C PHE B 77 -0.64 24.23 5.44
N ASP B 78 -0.35 23.92 6.71
CA ASP B 78 -1.10 24.56 7.79
C ASP B 78 -0.85 26.06 7.86
N ALA B 79 0.34 26.50 7.46
CA ALA B 79 0.57 27.94 7.37
C ALA B 79 -0.26 28.55 6.26
N TYR B 80 -0.33 27.87 5.11
CA TYR B 80 -1.05 28.41 3.95
C TYR B 80 -2.55 28.38 4.17
N LYS B 81 -3.06 27.31 4.77
CA LYS B 81 -4.49 27.24 5.09
C LYS B 81 -4.87 28.33 6.10
N GLU B 82 -3.98 28.63 7.04
CA GLU B 82 -4.24 29.68 8.03
C GLU B 82 -4.38 31.04 7.35
N ALA B 83 -3.47 31.38 6.45
CA ALA B 83 -3.57 32.62 5.69
C ALA B 83 -4.81 32.62 4.80
N SER B 84 -5.07 31.49 4.14
CA SER B 84 -6.23 31.38 3.24
C SER B 84 -7.54 31.61 3.99
N ASN B 85 -7.66 31.04 5.20
CA ASN B 85 -8.87 31.29 6.00
C ASN B 85 -8.97 32.76 6.42
N HIS B 86 -7.84 33.37 6.79
CA HIS B 86 -7.87 34.77 7.18
C HIS B 86 -8.28 35.65 6.00
N ILE B 87 -7.78 35.32 4.81
CA ILE B 87 -8.04 36.09 3.60
C ILE B 87 -9.54 36.15 3.30
N ARG B 88 -10.20 34.99 3.35
CA ARG B 88 -11.63 34.94 3.03
C ARG B 88 -12.47 35.66 4.08
N GLU B 89 -11.98 35.72 5.33
CA GLU B 89 -12.71 36.45 6.36
C GLU B 89 -12.64 37.96 6.12
N ILE B 90 -11.52 38.44 5.58
CA ILE B 90 -11.43 39.84 5.19
C ILE B 90 -12.46 40.14 4.10
N PHE B 91 -12.56 39.24 3.11
CA PHE B 91 -13.53 39.41 2.03
C PHE B 91 -14.95 39.52 2.56
N SER B 92 -15.28 38.71 3.59
CA SER B 92 -16.63 38.72 4.13
C SER B 92 -16.96 39.99 4.88
N ARG B 93 -15.96 40.84 5.13
CA ARG B 93 -16.24 42.15 5.72
C ARG B 93 -16.86 43.10 4.70
N TYR B 94 -16.74 42.79 3.41
CA TYR B 94 -17.19 43.67 2.35
C TYR B 94 -18.42 43.13 1.61
N THR B 95 -18.48 41.82 1.40
CA THR B 95 -19.65 41.20 0.78
C THR B 95 -19.72 39.74 1.21
N SER B 96 -20.90 39.15 1.07
CA SER B 96 -21.04 37.71 1.19
C SER B 96 -21.04 37.00 -0.16
N ARG B 97 -21.02 37.76 -1.25
CA ARG B 97 -20.91 37.21 -2.60
C ARG B 97 -19.42 36.95 -2.89
N ILE B 98 -18.95 35.82 -2.37
CA ILE B 98 -17.54 35.43 -2.41
C ILE B 98 -17.44 34.05 -3.00
N GLU B 99 -16.61 33.88 -4.03
CA GLU B 99 -16.38 32.57 -4.65
C GLU B 99 -14.89 32.25 -4.60
N PRO B 100 -14.43 31.53 -3.58
CA PRO B 100 -13.01 31.17 -3.53
C PRO B 100 -12.66 30.20 -4.65
N LEU B 101 -11.56 30.45 -5.34
CA LEU B 101 -11.16 29.56 -6.43
C LEU B 101 -10.04 28.61 -6.06
N SER B 102 -9.37 28.87 -4.96
CA SER B 102 -8.28 28.07 -4.40
C SER B 102 -8.03 28.66 -3.03
N LEU B 103 -6.92 28.27 -2.40
CA LEU B 103 -6.58 28.91 -1.13
C LEU B 103 -6.44 30.41 -1.29
N ASP B 104 -5.89 30.87 -2.42
CA ASP B 104 -5.37 32.23 -2.50
C ASP B 104 -6.18 33.14 -3.42
N GLU B 105 -7.29 32.68 -3.97
CA GLU B 105 -8.06 33.47 -4.92
C GLU B 105 -9.53 33.48 -4.56
N ALA B 106 -10.21 34.56 -4.94
CA ALA B 106 -11.66 34.57 -4.86
C ALA B 106 -12.22 35.68 -5.74
N TYR B 107 -13.28 35.38 -6.48
CA TYR B 107 -14.09 36.43 -7.09
C TYR B 107 -14.99 37.05 -6.03
N LEU B 108 -15.24 38.36 -6.16
CA LEU B 108 -16.21 39.07 -5.33
C LEU B 108 -17.21 39.79 -6.23
N ASP B 109 -18.49 39.70 -5.90
CA ASP B 109 -19.51 40.47 -6.58
C ASP B 109 -19.89 41.63 -5.66
N VAL B 110 -19.58 42.85 -6.10
CA VAL B 110 -19.58 44.07 -5.31
C VAL B 110 -20.57 45.08 -5.89
N THR B 111 -21.41 44.63 -6.83
CA THR B 111 -22.40 45.49 -7.49
C THR B 111 -23.22 46.30 -6.49
N ASP B 112 -23.69 45.65 -5.43
CA ASP B 112 -24.63 46.25 -4.49
C ASP B 112 -23.97 46.71 -3.20
N SER B 113 -22.65 46.90 -3.20
CA SER B 113 -21.96 47.23 -1.97
C SER B 113 -22.25 48.67 -1.53
N VAL B 114 -22.42 48.86 -0.23
CA VAL B 114 -22.52 50.20 0.35
C VAL B 114 -21.21 50.58 1.02
N HIS B 115 -20.11 50.00 0.59
CA HIS B 115 -18.78 50.34 1.09
C HIS B 115 -18.09 51.25 0.08
N CYS B 116 -17.33 52.22 0.59
CA CYS B 116 -16.49 53.09 -0.24
C CYS B 116 -17.29 53.76 -1.36
N HIS B 117 -18.54 54.11 -1.08
CA HIS B 117 -19.41 54.79 -2.04
C HIS B 117 -19.59 53.97 -3.32
N GLY B 118 -19.68 52.65 -3.17
CA GLY B 118 -19.89 51.76 -4.29
C GLY B 118 -18.71 51.61 -5.21
N SER B 119 -17.62 52.33 -4.95
CA SER B 119 -16.47 52.28 -5.85
C SER B 119 -15.77 50.94 -5.72
N ALA B 120 -15.84 50.11 -6.75
CA ALA B 120 -15.14 48.83 -6.69
C ALA B 120 -13.62 49.02 -6.67
N THR B 121 -13.12 50.15 -7.20
CA THR B 121 -11.69 50.41 -7.14
C THR B 121 -11.23 50.61 -5.70
N LEU B 122 -11.90 51.51 -4.97
CA LEU B 122 -11.54 51.78 -3.59
C LEU B 122 -11.72 50.54 -2.72
N ILE B 123 -12.72 49.70 -3.01
CA ILE B 123 -12.92 48.50 -2.20
C ILE B 123 -11.75 47.54 -2.36
N ALA B 124 -11.31 47.35 -3.60
CA ALA B 124 -10.16 46.48 -3.86
C ALA B 124 -8.90 47.02 -3.20
N GLN B 125 -8.62 48.31 -3.36
CA GLN B 125 -7.46 48.89 -2.69
C GLN B 125 -7.58 48.73 -1.18
N GLU B 126 -8.79 48.89 -0.66
CA GLU B 126 -9.03 48.74 0.76
C GLU B 126 -9.05 47.29 1.21
N ILE B 127 -8.99 46.33 0.30
CA ILE B 127 -8.90 44.92 0.66
C ILE B 127 -7.47 44.41 0.57
N ARG B 128 -6.72 44.86 -0.45
CA ARG B 128 -5.29 44.55 -0.52
C ARG B 128 -4.57 45.07 0.72
N GLN B 129 -4.65 46.38 0.98
CA GLN B 129 -4.39 46.85 2.33
C GLN B 129 -5.47 46.27 3.22
N THR B 130 -5.10 45.87 4.44
CA THR B 130 -5.87 45.01 5.34
C THR B 130 -5.36 43.58 5.21
N ILE B 131 -5.01 43.17 4.00
CA ILE B 131 -4.29 41.92 3.86
C ILE B 131 -2.81 42.14 4.10
N PHE B 132 -2.29 43.28 3.64
CA PHE B 132 -0.93 43.69 3.98
C PHE B 132 -0.81 43.88 5.49
N ASN B 133 -1.64 44.74 6.06
CA ASN B 133 -1.80 44.74 7.51
C ASN B 133 -2.39 43.38 7.92
N GLU B 134 -2.31 43.07 9.20
CA GLU B 134 -2.87 41.79 9.70
C GLU B 134 -2.10 40.55 9.25
N LEU B 135 -1.89 40.38 7.94
CA LEU B 135 -1.26 39.17 7.44
C LEU B 135 0.18 39.35 6.97
N GLN B 136 0.61 40.58 6.72
CA GLN B 136 1.96 40.86 6.18
C GLN B 136 2.18 40.12 4.86
N LEU B 137 1.15 40.09 4.02
CA LEU B 137 1.21 39.48 2.71
C LEU B 137 0.64 40.44 1.67
N THR B 138 1.20 40.41 0.46
CA THR B 138 0.68 41.22 -0.62
C THR B 138 -0.28 40.43 -1.47
N ALA B 139 -1.27 41.13 -2.01
CA ALA B 139 -2.21 40.59 -2.97
C ALA B 139 -2.42 41.61 -4.08
N SER B 140 -2.89 41.11 -5.21
CA SER B 140 -3.25 41.94 -6.35
C SER B 140 -4.72 41.70 -6.68
N ALA B 141 -5.29 42.62 -7.45
CA ALA B 141 -6.72 42.57 -7.73
C ALA B 141 -7.03 43.07 -9.14
N GLY B 142 -8.09 42.51 -9.71
CA GLY B 142 -8.66 42.99 -10.96
C GLY B 142 -10.11 43.37 -10.75
N VAL B 143 -10.53 44.45 -11.39
CA VAL B 143 -11.89 44.97 -11.31
C VAL B 143 -12.47 45.03 -12.72
N ALA B 144 -13.65 44.47 -12.92
CA ALA B 144 -14.17 44.34 -14.28
C ALA B 144 -15.69 44.13 -14.21
N PRO B 145 -16.39 44.28 -15.35
CA PRO B 145 -17.84 44.00 -15.37
C PRO B 145 -18.19 42.52 -15.43
N VAL B 146 -17.22 41.63 -15.65
CA VAL B 146 -17.46 40.19 -15.70
C VAL B 146 -16.27 39.45 -15.08
N LYS B 147 -16.45 38.16 -14.84
CA LYS B 147 -15.47 37.35 -14.11
C LYS B 147 -14.11 37.31 -14.83
N PHE B 148 -14.08 36.79 -16.07
CA PHE B 148 -12.82 36.46 -16.71
C PHE B 148 -11.93 37.70 -16.93
N LEU B 149 -12.52 38.87 -17.17
CA LEU B 149 -11.73 40.09 -17.22
C LEU B 149 -11.24 40.49 -15.84
N ALA B 150 -12.00 40.21 -14.79
CA ALA B 150 -11.50 40.49 -13.45
C ALA B 150 -10.26 39.66 -13.16
N LYS B 151 -10.32 38.36 -13.49
CA LYS B 151 -9.16 37.50 -13.34
C LYS B 151 -7.97 37.98 -14.19
N ILE B 152 -8.22 38.32 -15.47
CA ILE B 152 -7.14 38.81 -16.32
C ILE B 152 -6.54 40.09 -15.74
N ALA B 153 -7.39 40.99 -15.24
CA ALA B 153 -6.87 42.26 -14.77
C ALA B 153 -6.11 42.13 -13.45
N SER B 154 -6.35 41.06 -12.67
CA SER B 154 -5.63 40.89 -11.42
C SER B 154 -4.16 40.58 -11.64
N ASP B 155 -3.82 39.93 -12.76
CA ASP B 155 -2.43 39.59 -13.07
C ASP B 155 -1.70 40.70 -13.82
N MET B 156 -2.36 41.81 -14.15
CA MET B 156 -1.76 42.83 -15.01
C MET B 156 -0.92 43.84 -14.25
N ASN B 157 -1.09 43.92 -12.94
CA ASN B 157 -0.27 44.76 -12.11
C ASN B 157 0.30 43.97 -10.93
N LYS B 158 0.53 42.68 -11.11
CA LYS B 158 1.26 41.87 -10.13
C LYS B 158 2.75 42.20 -10.12
N PRO B 159 3.37 42.22 -8.93
CA PRO B 159 2.73 41.99 -7.63
C PRO B 159 2.26 43.28 -6.97
N ASN B 160 1.38 43.14 -5.98
CA ASN B 160 1.00 44.24 -5.09
C ASN B 160 0.43 45.42 -5.88
N GLY B 161 -0.45 45.12 -6.83
CA GLY B 161 -1.09 46.16 -7.60
C GLY B 161 -2.48 45.72 -8.04
N GLN B 162 -3.14 46.60 -8.80
CA GLN B 162 -4.48 46.30 -9.26
C GLN B 162 -4.71 46.99 -10.60
N PHE B 163 -5.82 46.64 -11.24
CA PHE B 163 -6.13 47.12 -12.58
C PHE B 163 -7.62 47.03 -12.81
N VAL B 164 -8.21 48.09 -13.39
CA VAL B 164 -9.66 48.23 -13.54
C VAL B 164 -10.00 48.33 -15.02
N ILE B 165 -10.95 47.50 -15.46
CA ILE B 165 -11.51 47.57 -16.81
C ILE B 165 -12.96 48.02 -16.67
N THR B 166 -13.25 49.27 -17.05
CA THR B 166 -14.63 49.72 -17.05
C THR B 166 -15.38 49.17 -18.26
N PRO B 167 -16.70 49.12 -18.18
CA PRO B 167 -17.48 48.79 -19.39
C PRO B 167 -17.08 49.60 -20.62
N ALA B 168 -16.75 50.88 -20.47
CA ALA B 168 -16.32 51.68 -21.62
C ALA B 168 -15.03 51.16 -22.23
N GLU B 169 -14.15 50.55 -21.43
CA GLU B 169 -12.82 50.19 -21.91
C GLU B 169 -12.73 48.79 -22.50
N VAL B 170 -13.72 47.92 -22.26
CA VAL B 170 -13.58 46.52 -22.68
C VAL B 170 -13.46 46.34 -24.19
N PRO B 171 -14.15 47.11 -25.06
CA PRO B 171 -13.97 46.86 -26.50
C PRO B 171 -12.53 47.06 -26.95
N ALA B 172 -11.89 48.17 -26.56
CA ALA B 172 -10.48 48.38 -26.87
C ALA B 172 -9.59 47.34 -26.21
N PHE B 173 -9.88 47.00 -24.95
CA PHE B 173 -9.09 45.98 -24.25
C PHE B 173 -9.21 44.64 -24.94
N LEU B 174 -10.37 44.34 -25.52
CA LEU B 174 -10.62 43.04 -26.11
C LEU B 174 -9.87 42.85 -27.42
N GLN B 175 -9.81 43.89 -28.24
CA GLN B 175 -9.40 43.74 -29.64
C GLN B 175 -8.03 43.10 -29.75
N THR B 176 -7.11 43.47 -28.87
CA THR B 176 -5.72 43.06 -28.97
C THR B 176 -5.34 41.98 -27.96
N LEU B 177 -6.33 41.47 -27.21
CA LEU B 177 -6.09 40.55 -26.11
C LEU B 177 -5.72 39.15 -26.64
N PRO B 178 -4.59 38.59 -26.24
CA PRO B 178 -4.26 37.25 -26.72
C PRO B 178 -5.22 36.21 -26.14
N LEU B 179 -5.70 35.33 -27.02
CA LEU B 179 -6.62 34.28 -26.60
C LEU B 179 -6.05 33.42 -25.49
N ALA B 180 -4.73 33.23 -25.47
CA ALA B 180 -4.09 32.40 -24.46
C ALA B 180 -4.24 32.96 -23.06
N LYS B 181 -4.55 34.25 -22.94
CA LYS B 181 -4.78 34.91 -21.66
C LYS B 181 -6.19 34.67 -21.12
N ILE B 182 -7.11 34.17 -21.94
CA ILE B 182 -8.46 33.84 -21.47
C ILE B 182 -8.39 32.58 -20.61
N PRO B 183 -8.81 32.65 -19.35
CA PRO B 183 -8.78 31.44 -18.51
C PRO B 183 -9.52 30.32 -19.21
N GLY B 184 -8.93 29.12 -19.15
CA GLY B 184 -9.46 27.98 -19.82
C GLY B 184 -8.84 27.71 -21.18
N VAL B 185 -8.21 28.71 -21.78
CA VAL B 185 -7.51 28.57 -23.06
C VAL B 185 -6.03 28.32 -22.69
N GLY B 186 -5.69 27.05 -22.58
CA GLY B 186 -4.37 26.59 -22.24
C GLY B 186 -3.52 26.27 -23.45
N LYS B 187 -2.55 25.38 -23.23
CA LYS B 187 -1.51 25.11 -24.22
C LYS B 187 -2.13 24.58 -25.52
N VAL B 188 -2.89 23.49 -25.42
CA VAL B 188 -3.37 22.79 -26.62
C VAL B 188 -4.42 23.62 -27.34
N SER B 189 -5.22 24.39 -26.61
CA SER B 189 -6.19 25.26 -27.27
C SER B 189 -5.48 26.42 -27.98
N ALA B 190 -4.62 27.15 -27.26
CA ALA B 190 -3.92 28.29 -27.84
C ALA B 190 -3.22 27.92 -29.13
N ALA B 191 -2.57 26.75 -29.15
CA ALA B 191 -1.92 26.29 -30.37
C ALA B 191 -2.94 25.99 -31.47
N LYS B 192 -4.03 25.29 -31.14
CA LYS B 192 -5.04 24.97 -32.15
C LYS B 192 -5.61 26.23 -32.79
N LEU B 193 -5.90 27.26 -31.98
CA LEU B 193 -6.35 28.54 -32.53
C LEU B 193 -5.30 29.16 -33.44
N GLU B 194 -4.04 29.21 -32.96
CA GLU B 194 -2.96 29.79 -33.76
C GLU B 194 -2.79 29.07 -35.09
N ALA B 195 -3.12 27.77 -35.14
CA ALA B 195 -2.97 27.02 -36.39
C ALA B 195 -4.05 27.38 -37.40
N MET B 196 -5.17 27.92 -36.96
CA MET B 196 -6.17 28.48 -37.87
C MET B 196 -6.16 30.01 -37.84
N GLY B 197 -4.99 30.60 -37.58
CA GLY B 197 -4.81 32.04 -37.69
C GLY B 197 -5.47 32.88 -36.62
N LEU B 198 -5.77 32.30 -35.46
CA LEU B 198 -6.49 32.99 -34.39
C LEU B 198 -5.55 33.19 -33.21
N ARG B 199 -5.15 34.43 -32.98
CA ARG B 199 -4.30 34.76 -31.84
C ARG B 199 -5.00 35.62 -30.81
N THR B 200 -5.68 36.67 -31.24
CA THR B 200 -6.33 37.62 -30.33
C THR B 200 -7.85 37.45 -30.36
N CYS B 201 -8.52 38.16 -29.44
CA CYS B 201 -9.99 38.16 -29.43
C CYS B 201 -10.54 38.92 -30.62
N GLY B 202 -9.81 39.91 -31.13
CA GLY B 202 -10.22 40.58 -32.36
C GLY B 202 -10.33 39.62 -33.53
N ASP B 203 -9.42 38.63 -33.58
CA ASP B 203 -9.48 37.63 -34.64
C ASP B 203 -10.81 36.88 -34.60
N VAL B 204 -11.16 36.30 -33.45
CA VAL B 204 -12.37 35.46 -33.41
C VAL B 204 -13.65 36.30 -33.43
N GLN B 205 -13.58 37.59 -33.10
CA GLN B 205 -14.72 38.47 -33.39
C GLN B 205 -15.02 38.51 -34.88
N LYS B 206 -14.04 38.21 -35.73
CA LYS B 206 -14.20 38.35 -37.17
C LYS B 206 -14.66 37.07 -37.85
N CYS B 207 -15.06 36.03 -37.10
CA CYS B 207 -15.41 34.76 -37.71
C CYS B 207 -16.70 34.21 -37.12
N ASP B 208 -17.24 33.21 -37.82
CA ASP B 208 -18.60 32.73 -37.61
C ASP B 208 -18.69 31.74 -36.45
N LEU B 209 -19.76 31.87 -35.66
CA LEU B 209 -19.96 31.05 -34.46
C LEU B 209 -20.25 29.58 -34.79
N VAL B 210 -20.97 29.31 -35.90
CA VAL B 210 -21.25 27.92 -36.28
C VAL B 210 -19.96 27.16 -36.51
N MET B 211 -18.99 27.77 -37.22
CA MET B 211 -17.75 27.04 -37.49
C MET B 211 -16.93 26.85 -36.22
N LEU B 212 -17.04 27.78 -35.25
CA LEU B 212 -16.43 27.56 -33.94
C LEU B 212 -17.10 26.42 -33.18
N LEU B 213 -18.44 26.34 -33.24
CA LEU B 213 -19.12 25.19 -32.64
C LEU B 213 -18.70 23.90 -33.33
N LYS B 214 -18.54 23.93 -34.65
CA LYS B 214 -18.12 22.74 -35.38
C LYS B 214 -16.75 22.27 -34.92
N ARG B 215 -15.76 23.17 -34.92
CA ARG B 215 -14.41 22.76 -34.59
C ARG B 215 -14.20 22.53 -33.09
N PHE B 216 -14.99 23.17 -32.22
CA PHE B 216 -14.65 23.22 -30.80
C PHE B 216 -15.73 22.76 -29.83
N GLY B 217 -16.98 22.63 -30.27
CA GLY B 217 -18.00 22.28 -29.28
C GLY B 217 -18.31 23.45 -28.38
N LYS B 218 -18.64 23.14 -27.12
CA LYS B 218 -19.07 24.19 -26.21
C LYS B 218 -17.97 25.20 -25.97
N PHE B 219 -16.72 24.74 -25.89
CA PHE B 219 -15.57 25.63 -25.83
C PHE B 219 -15.60 26.68 -26.94
N GLY B 220 -16.11 26.32 -28.11
CA GLY B 220 -16.23 27.30 -29.19
C GLY B 220 -17.25 28.37 -28.91
N ARG B 221 -18.33 28.05 -28.17
CA ARG B 221 -19.29 29.09 -27.82
C ARG B 221 -18.72 29.99 -26.72
N ILE B 222 -18.09 29.42 -25.70
CA ILE B 222 -17.37 30.21 -24.69
C ILE B 222 -16.37 31.14 -25.36
N LEU B 223 -15.53 30.57 -26.23
CA LEU B 223 -14.51 31.37 -26.91
C LEU B 223 -15.14 32.51 -27.69
N TRP B 224 -16.24 32.24 -28.41
CA TRP B 224 -16.90 33.29 -29.17
C TRP B 224 -17.46 34.37 -28.25
N GLU B 225 -18.01 33.97 -27.10
CA GLU B 225 -18.63 34.94 -26.20
C GLU B 225 -17.58 35.79 -25.49
N ARG B 226 -16.62 35.14 -24.83
CA ARG B 226 -15.65 35.90 -24.04
C ARG B 226 -14.87 36.87 -24.92
N SER B 227 -14.56 36.49 -26.18
CA SER B 227 -13.92 37.42 -27.09
C SER B 227 -14.71 38.70 -27.32
N GLN B 228 -16.00 38.68 -26.99
CA GLN B 228 -16.84 39.86 -27.05
C GLN B 228 -17.15 40.42 -25.67
N GLY B 229 -16.40 39.98 -24.66
CA GLY B 229 -16.65 40.41 -23.30
C GLY B 229 -17.87 39.80 -22.66
N ILE B 230 -18.54 38.87 -23.34
CA ILE B 230 -19.72 38.23 -22.78
C ILE B 230 -19.27 37.16 -21.81
N ASP B 231 -19.70 37.30 -20.56
CA ASP B 231 -19.41 36.31 -19.52
C ASP B 231 -20.50 36.51 -18.46
N GLU B 232 -21.56 35.71 -18.56
CA GLU B 232 -22.73 35.81 -17.68
C GLU B 232 -22.59 35.02 -16.40
N ARG B 233 -21.44 34.35 -16.19
CA ARG B 233 -21.26 33.55 -14.98
C ARG B 233 -21.42 34.43 -13.75
N ASP B 234 -22.32 34.00 -12.86
CA ASP B 234 -22.59 34.73 -11.62
C ASP B 234 -21.64 34.23 -10.52
N VAL B 235 -21.19 35.16 -9.69
CA VAL B 235 -20.36 34.76 -8.55
C VAL B 235 -21.18 33.87 -7.63
N ASN B 236 -20.60 32.75 -7.20
CA ASN B 236 -21.36 31.75 -6.48
C ASN B 236 -21.44 31.99 -4.98
N SER B 237 -20.56 31.32 -4.23
CA SER B 237 -20.47 31.30 -2.77
C SER B 237 -21.23 30.11 -2.21
N GLU B 238 -21.73 29.23 -3.07
CA GLU B 238 -22.48 28.06 -2.61
C GLU B 238 -21.95 26.76 -3.19
N ARG B 239 -20.69 26.72 -3.60
CA ARG B 239 -20.11 25.53 -4.21
C ARG B 239 -19.45 24.65 -3.16
N LEU B 240 -19.42 23.34 -3.43
CA LEU B 240 -18.85 22.37 -2.51
C LEU B 240 -17.90 21.45 -3.28
N ARG B 241 -16.96 20.83 -2.56
CA ARG B 241 -16.18 19.77 -3.17
C ARG B 241 -17.12 18.72 -3.77
N LYS B 242 -16.68 18.12 -4.86
CA LYS B 242 -17.41 17.02 -5.46
C LYS B 242 -16.60 15.73 -5.41
N SER B 243 -15.41 15.76 -4.83
CA SER B 243 -14.44 14.72 -5.09
C SER B 243 -13.37 14.79 -4.02
N VAL B 244 -12.85 13.62 -3.64
CA VAL B 244 -11.74 13.53 -2.70
C VAL B 244 -10.88 12.37 -3.15
N GLY B 245 -9.56 12.59 -3.23
CA GLY B 245 -8.64 11.54 -3.59
C GLY B 245 -7.32 11.75 -2.89
N VAL B 246 -6.56 10.66 -2.77
CA VAL B 246 -5.18 10.70 -2.29
C VAL B 246 -4.32 9.85 -3.23
N GLU B 247 -3.10 10.32 -3.52
CA GLU B 247 -2.21 9.63 -4.47
C GLU B 247 -0.75 10.00 -4.19
N ARG B 248 0.15 9.05 -4.42
CA ARG B 248 1.58 9.31 -4.31
C ARG B 248 2.36 8.78 -5.51
N THR B 249 3.40 9.54 -5.87
CA THR B 249 4.41 9.13 -6.84
C THR B 249 5.61 8.61 -6.06
N MET B 250 5.97 7.34 -6.28
CA MET B 250 7.12 6.74 -5.62
C MET B 250 8.43 7.20 -6.25
N ALA B 251 9.51 7.15 -5.47
CA ALA B 251 10.81 7.54 -5.99
C ALA B 251 11.38 6.51 -6.97
N GLU B 252 10.91 5.26 -6.92
CA GLU B 252 11.25 4.27 -7.93
C GLU B 252 9.97 3.55 -8.35
N ASP B 253 9.85 3.29 -9.66
CA ASP B 253 8.70 2.52 -10.18
C ASP B 253 8.56 1.18 -9.46
N ILE B 254 7.29 0.79 -9.18
CA ILE B 254 7.01 -0.53 -8.61
C ILE B 254 6.69 -1.52 -9.74
N HIS B 255 7.01 -2.80 -9.52
CA HIS B 255 6.80 -3.85 -10.52
C HIS B 255 6.11 -5.10 -9.96
N HIS B 256 5.83 -5.16 -8.66
CA HIS B 256 5.13 -6.28 -8.02
C HIS B 256 3.80 -5.80 -7.45
N TRP B 257 2.80 -6.69 -7.48
CA TRP B 257 1.46 -6.35 -6.99
C TRP B 257 1.44 -6.09 -5.48
N SER B 258 2.20 -6.88 -4.70
CA SER B 258 2.26 -6.67 -3.25
C SER B 258 2.73 -5.27 -2.86
N GLU B 259 3.44 -4.57 -3.75
CA GLU B 259 3.86 -3.20 -3.48
C GLU B 259 2.72 -2.23 -3.74
N CYS B 260 2.04 -2.42 -4.87
CA CYS B 260 0.82 -1.66 -5.13
C CYS B 260 -0.18 -1.85 -4.00
N GLU B 261 -0.45 -3.11 -3.64
CA GLU B 261 -1.34 -3.41 -2.52
C GLU B 261 -0.83 -2.78 -1.24
N ALA B 262 0.48 -2.87 -0.98
CA ALA B 262 1.01 -2.33 0.28
C ALA B 262 0.91 -0.81 0.31
N ILE B 263 1.09 -0.15 -0.84
CA ILE B 263 1.00 1.31 -0.91
C ILE B 263 -0.45 1.76 -0.72
N ILE B 264 -1.41 0.96 -1.19
CA ILE B 264 -2.83 1.27 -0.99
C ILE B 264 -3.16 1.27 0.51
N GLU B 265 -2.72 0.23 1.23
CA GLU B 265 -2.96 0.18 2.68
C GLU B 265 -2.41 1.40 3.40
N ARG B 266 -1.46 2.11 2.80
CA ARG B 266 -0.96 3.34 3.39
C ARG B 266 -1.77 4.55 2.96
N LEU B 267 -2.21 4.58 1.69
CA LEU B 267 -3.04 5.69 1.23
C LEU B 267 -4.42 5.69 1.89
N TYR B 268 -4.99 4.51 2.20
CA TYR B 268 -6.40 4.47 2.61
C TYR B 268 -6.73 5.14 3.95
N PRO B 269 -5.87 5.07 5.00
CA PRO B 269 -6.21 5.80 6.23
C PRO B 269 -6.40 7.30 6.03
N GLU B 270 -5.68 7.89 5.07
CA GLU B 270 -5.76 9.33 4.85
C GLU B 270 -6.97 9.73 4.01
N LEU B 271 -7.30 8.96 2.98
CA LEU B 271 -8.54 9.18 2.27
C LEU B 271 -9.75 9.03 3.21
N GLU B 272 -9.65 8.10 4.17
CA GLU B 272 -10.74 7.91 5.12
C GLU B 272 -10.90 9.12 6.04
N ARG B 273 -9.78 9.69 6.52
CA ARG B 273 -9.85 10.91 7.33
C ARG B 273 -10.55 12.04 6.58
N ARG B 274 -10.05 12.36 5.38
CA ARG B 274 -10.51 13.56 4.67
C ARG B 274 -11.97 13.43 4.25
N LEU B 275 -12.39 12.23 3.85
CA LEU B 275 -13.80 12.01 3.57
C LEU B 275 -14.64 12.18 4.83
N ALA B 276 -14.07 11.88 6.00
CA ALA B 276 -14.77 11.98 7.27
C ALA B 276 -14.88 13.42 7.77
N LYS B 277 -14.01 14.32 7.28
CA LYS B 277 -14.14 15.71 7.69
C LYS B 277 -15.41 16.33 7.12
N VAL B 278 -15.84 15.92 5.92
CA VAL B 278 -16.97 16.55 5.26
C VAL B 278 -18.16 15.62 5.08
N LYS B 279 -18.00 14.30 5.15
CA LYS B 279 -19.12 13.38 5.19
C LYS B 279 -18.87 12.36 6.30
N PRO B 280 -19.25 12.69 7.54
CA PRO B 280 -18.98 11.79 8.68
C PRO B 280 -19.26 10.31 8.44
N ASP B 281 -20.39 9.99 7.78
CA ASP B 281 -20.84 8.62 7.59
C ASP B 281 -20.26 7.96 6.34
N LEU B 282 -19.33 8.62 5.64
CA LEU B 282 -18.55 8.01 4.56
C LEU B 282 -19.43 7.47 3.44
N LEU B 283 -20.57 8.10 3.18
CA LEU B 283 -21.47 7.68 2.12
C LEU B 283 -21.14 8.46 0.85
N ILE B 284 -20.98 7.73 -0.27
CA ILE B 284 -20.44 8.28 -1.50
C ILE B 284 -21.27 7.77 -2.68
N ALA B 285 -20.96 8.27 -3.87
CA ALA B 285 -21.56 7.85 -5.13
C ALA B 285 -20.69 6.82 -5.86
N ARG B 286 -19.38 7.10 -5.95
CA ARG B 286 -18.42 6.27 -6.63
C ARG B 286 -17.13 6.28 -5.84
N GLN B 287 -16.41 5.17 -5.86
CA GLN B 287 -15.02 5.17 -5.44
C GLN B 287 -14.17 4.52 -6.53
N GLY B 288 -12.87 4.76 -6.46
CA GLY B 288 -12.00 4.26 -7.50
C GLY B 288 -10.54 4.27 -7.12
N VAL B 289 -9.72 3.84 -8.08
CA VAL B 289 -8.27 3.84 -7.97
C VAL B 289 -7.70 4.53 -9.21
N LYS B 290 -6.38 4.79 -9.18
CA LYS B 290 -5.65 5.38 -10.30
C LYS B 290 -4.19 4.95 -10.29
N LEU B 291 -3.72 4.42 -11.42
CA LEU B 291 -2.35 4.00 -11.62
C LEU B 291 -1.75 4.86 -12.72
N LYS B 292 -0.45 5.17 -12.60
CA LYS B 292 0.29 5.92 -13.60
C LYS B 292 1.59 5.20 -13.87
N PHE B 293 1.89 4.97 -15.15
CA PHE B 293 2.97 4.07 -15.53
C PHE B 293 4.24 4.83 -15.91
N ASP B 294 5.31 4.07 -16.12
CA ASP B 294 6.62 4.66 -16.39
C ASP B 294 6.67 5.44 -17.70
N ASP B 295 5.73 5.23 -18.60
CA ASP B 295 5.57 6.06 -19.80
C ASP B 295 4.66 7.26 -19.54
N PHE B 296 4.38 7.55 -18.26
CA PHE B 296 3.57 8.67 -17.83
C PHE B 296 2.12 8.56 -18.31
N GLN B 297 1.74 7.46 -18.94
CA GLN B 297 0.32 7.19 -19.16
C GLN B 297 -0.35 6.84 -17.84
N GLN B 298 -1.62 7.21 -17.70
CA GLN B 298 -2.35 6.87 -16.49
C GLN B 298 -3.74 6.36 -16.81
N THR B 299 -4.33 5.72 -15.81
CA THR B 299 -5.64 5.11 -15.94
C THR B 299 -6.37 5.20 -14.61
N THR B 300 -7.67 5.44 -14.69
CA THR B 300 -8.59 5.46 -13.56
C THR B 300 -9.64 4.38 -13.78
N GLN B 301 -10.08 3.78 -12.67
CA GLN B 301 -11.11 2.74 -12.69
C GLN B 301 -11.99 2.98 -11.47
N GLU B 302 -13.15 3.59 -11.70
CA GLU B 302 -14.11 3.91 -10.67
C GLU B 302 -15.44 3.25 -10.98
N HIS B 303 -16.19 2.91 -9.93
CA HIS B 303 -17.52 2.34 -10.07
C HIS B 303 -18.44 2.90 -8.99
N VAL B 304 -19.71 3.05 -9.36
CA VAL B 304 -20.78 3.32 -8.40
C VAL B 304 -20.60 2.40 -7.20
N TRP B 305 -20.43 3.00 -6.01
CA TRP B 305 -20.22 2.26 -4.76
C TRP B 305 -20.77 3.10 -3.61
N PRO B 306 -21.49 2.49 -2.65
CA PRO B 306 -22.31 3.27 -1.72
C PRO B 306 -21.55 3.97 -0.60
N ARG B 307 -20.40 3.40 -0.21
CA ARG B 307 -19.68 3.87 0.97
C ARG B 307 -18.21 3.47 0.82
N LEU B 308 -17.33 4.33 1.35
CA LEU B 308 -15.89 4.07 1.34
C LEU B 308 -15.60 2.67 1.86
N ASN B 309 -14.89 1.88 1.05
CA ASN B 309 -14.63 0.47 1.34
C ASN B 309 -13.22 0.14 0.88
N LYS B 310 -12.39 -0.32 1.82
CA LYS B 310 -10.98 -0.56 1.51
C LYS B 310 -10.79 -1.88 0.78
N ALA B 311 -11.53 -2.91 1.19
CA ALA B 311 -11.47 -4.18 0.49
C ALA B 311 -11.81 -4.01 -0.98
N ASP B 312 -12.77 -3.12 -1.29
CA ASP B 312 -13.19 -2.90 -2.67
C ASP B 312 -12.11 -2.19 -3.48
N LEU B 313 -11.41 -1.23 -2.88
CA LEU B 313 -10.37 -0.51 -3.62
C LEU B 313 -9.23 -1.44 -4.00
N ILE B 314 -8.85 -2.35 -3.10
CA ILE B 314 -7.80 -3.30 -3.43
C ILE B 314 -8.25 -4.23 -4.54
N ALA B 315 -9.46 -4.79 -4.42
CA ALA B 315 -9.99 -5.63 -5.49
C ALA B 315 -10.06 -4.86 -6.82
N THR B 316 -10.37 -3.57 -6.77
CA THR B 316 -10.36 -2.77 -7.99
C THR B 316 -8.94 -2.59 -8.52
N ALA B 317 -7.99 -2.32 -7.62
CA ALA B 317 -6.60 -2.18 -8.03
C ALA B 317 -6.03 -3.48 -8.59
N ARG B 318 -6.44 -4.64 -8.09
CA ARG B 318 -5.94 -5.88 -8.69
C ARG B 318 -6.46 -6.00 -10.12
N LYS B 319 -7.69 -5.54 -10.38
CA LYS B 319 -8.24 -5.60 -11.73
C LYS B 319 -7.49 -4.64 -12.66
N THR B 320 -7.23 -3.42 -12.19
CA THR B 320 -6.51 -2.45 -13.00
C THR B 320 -5.08 -2.90 -13.26
N TRP B 321 -4.39 -3.33 -12.19
CA TRP B 321 -3.00 -3.80 -12.31
C TRP B 321 -2.89 -4.98 -13.26
N ASP B 322 -3.82 -5.93 -13.17
CA ASP B 322 -3.77 -7.13 -14.00
C ASP B 322 -4.12 -6.85 -15.45
N GLU B 323 -5.01 -5.90 -15.71
CA GLU B 323 -5.52 -5.68 -17.05
C GLU B 323 -4.82 -4.53 -17.78
N ARG B 324 -4.76 -3.35 -17.18
CA ARG B 324 -4.29 -2.14 -17.85
C ARG B 324 -2.78 -1.93 -17.77
N ARG B 325 -2.07 -2.63 -16.88
CA ARG B 325 -0.67 -2.29 -16.66
C ARG B 325 0.19 -2.68 -17.85
N GLY B 326 -0.13 -3.80 -18.49
CA GLY B 326 0.65 -4.22 -19.64
C GLY B 326 2.12 -4.40 -19.38
N GLY B 327 2.47 -4.92 -18.21
CA GLY B 327 3.87 -5.15 -17.88
C GLY B 327 4.69 -3.91 -17.63
N ARG B 328 4.09 -2.73 -17.68
CA ARG B 328 4.86 -1.54 -17.34
C ARG B 328 5.06 -1.44 -15.84
N GLY B 329 6.10 -0.71 -15.46
CA GLY B 329 6.25 -0.28 -14.09
C GLY B 329 5.34 0.90 -13.77
N VAL B 330 4.96 0.98 -12.50
CA VAL B 330 3.99 1.96 -12.00
C VAL B 330 4.74 3.00 -11.18
N ARG B 331 4.46 4.28 -11.46
CA ARG B 331 5.13 5.36 -10.74
C ARG B 331 4.22 6.06 -9.73
N LEU B 332 2.91 6.08 -9.99
CA LEU B 332 1.94 6.70 -9.10
C LEU B 332 0.83 5.70 -8.80
N VAL B 333 0.32 5.72 -7.56
CA VAL B 333 -0.85 4.94 -7.14
C VAL B 333 -1.81 5.88 -6.43
N GLY B 334 -3.10 5.77 -6.75
CA GLY B 334 -4.09 6.74 -6.29
C GLY B 334 -5.42 6.12 -5.91
N LEU B 335 -6.04 6.68 -4.87
CA LEU B 335 -7.38 6.32 -4.43
C LEU B 335 -8.31 7.51 -4.66
N HIS B 336 -9.58 7.22 -4.95
CA HIS B 336 -10.46 8.30 -5.38
C HIS B 336 -11.92 8.02 -5.03
N VAL B 337 -12.65 9.11 -4.82
CA VAL B 337 -14.01 9.05 -4.30
C VAL B 337 -14.76 10.24 -4.90
N THR B 338 -15.98 9.98 -5.36
CA THR B 338 -16.89 11.05 -5.76
C THR B 338 -18.01 11.14 -4.72
N LEU B 339 -18.40 12.36 -4.35
CA LEU B 339 -19.10 12.57 -3.08
C LEU B 339 -20.56 12.12 -2.99
N LEU B 340 -21.50 12.94 -3.51
CA LEU B 340 -22.96 12.71 -3.50
C LEU B 340 -23.61 14.07 -3.74
N ASP B 341 -24.91 14.12 -4.01
CA ASP B 341 -25.35 15.36 -4.65
C ASP B 341 -26.10 16.31 -3.71
N PRO B 342 -27.45 16.28 -3.59
CA PRO B 342 -27.96 17.48 -2.91
C PRO B 342 -27.81 17.46 -1.38
O4 TTW G . 10.76 -23.43 6.54
C4 TTW G . 10.93 -24.57 6.75
N3 TTW G . 11.05 -25.46 5.77
C2 TTW G . 11.24 -26.74 6.05
O2 TTW G . 11.36 -27.50 5.15
C5 TTW G . 11.02 -25.00 8.05
C5M TTW G . 10.89 -23.96 9.19
C6 TTW G . 11.23 -26.34 8.32
N1 TTW G . 11.32 -27.18 7.29
C1' TTW G . 11.59 -28.59 7.54
O4' TTW G . 10.94 -29.06 8.91
C2' TTW G . 12.92 -28.77 7.70
C3' TTW G . 13.20 -28.92 9.19
O3' TTW G . 14.23 -29.77 9.53
C4' TTW G . 11.86 -29.52 9.70
C5' TTW G . 11.61 -29.07 11.18
O5' TTW G . 11.35 -27.71 11.19
PA TTW G . 11.93 -26.81 12.46
O1A TTW G . 11.26 -25.45 12.51
O2A TTW G . 11.68 -27.61 13.77
O3A TTW G . 13.57 -26.53 12.32
PB TTW G . 14.77 -27.65 12.39
O1B TTW G . 15.37 -28.07 11.06
O2B TTW G . 14.29 -28.91 13.03
N3B TTW G . 15.92 -26.80 13.35
PG TTW G . 15.51 -26.52 14.95
O1G TTW G . 16.58 -27.21 15.73
O2G TTW G . 14.15 -27.03 15.36
O3G TTW G . 15.47 -25.03 15.12
MG MG H . 13.06 -28.89 14.74
MG MG I . 9.47 -28.06 14.43
O4 TTW J . 0.87 24.60 -10.32
C4 TTW J . 0.68 25.05 -9.25
N3 TTW J . 0.78 24.30 -8.15
C2 TTW J . 0.57 24.78 -6.94
O2 TTW J . 0.68 24.03 -6.02
C5 TTW J . 0.34 26.38 -9.10
C5M TTW J . 0.19 27.31 -10.33
C6 TTW J . 0.11 26.85 -7.80
N1 TTW J . 0.23 26.03 -6.76
C1' TTW J . 0.00 26.56 -5.44
O4' TTW J . -1.12 27.69 -5.59
C2' TTW J . 1.12 27.20 -5.02
C3' TTW J . 0.85 28.68 -5.16
O3' TTW J . 1.51 29.46 -4.24
C4' TTW J . -0.69 28.76 -4.96
C5' TTW J . -1.26 30.07 -5.61
O5' TTW J . -1.45 29.80 -6.96
PA TTW J . -1.21 31.01 -8.08
O1A TTW J . -1.73 30.54 -9.43
O2A TTW J . -1.91 32.29 -7.65
O3A TTW J . 0.40 31.33 -8.18
PB TTW J . 1.23 32.21 -7.04
O1B TTW J . 2.27 31.30 -6.40
O2B TTW J . 0.32 32.77 -5.96
N3B TTW J . 2.01 33.49 -7.89
PG TTW J . 1.06 34.74 -8.55
O1G TTW J . 1.36 36.03 -7.87
O2G TTW J . -0.41 34.42 -8.39
O3G TTW J . 1.38 34.87 -10.04
MG MG K . -1.59 33.86 -6.63
MG MG L . -4.07 32.73 -7.55
#